data_1VDD
#
_entry.id   1VDD
#
_cell.length_a   106.218
_cell.length_b   121.386
_cell.length_c   154.993
_cell.angle_alpha   90.00
_cell.angle_beta   90.00
_cell.angle_gamma   90.00
#
_symmetry.space_group_name_H-M   'C 2 2 21'
#
loop_
_entity.id
_entity.type
_entity.pdbx_description
1 polymer 'Recombination protein recR'
2 non-polymer 'ZINC ION'
3 non-polymer IMIDAZOLE
4 water water
#
_entity_poly.entity_id   1
_entity_poly.type   'polypeptide(L)'
_entity_poly.pdbx_seq_one_letter_code
;MKYPPSLVSLIRELSRLPGIGPKSAQRLAFHLFEQPREDIERLASALLEAKRDLHVCPICFNITDAEKCDVCADPSRDQR
TICVVEEPGDVIALERSGEYRGLYHVLHGVLSPMNGVGPDKLHIKPLLPRVGQGMEVILATGTTVEGDATALYLQRLLEP
LGAAISRIAYGVPVGGSLEYTDEVTLGRALTGRQTVSKPQPPQRPGDEDGADGAAVPASRLEHHHHHH
;
_entity_poly.pdbx_strand_id   A,B,C,D
#
loop_
_chem_comp.id
_chem_comp.type
_chem_comp.name
_chem_comp.formula
IMD non-polymer IMIDAZOLE 'C3 H5 N2 1'
ZN non-polymer 'ZINC ION' 'Zn 2'
#
# COMPACT_ATOMS: atom_id res chain seq x y z
N MET A 1 -27.53 0.94 -6.87
CA MET A 1 -28.67 -0.02 -6.82
C MET A 1 -28.30 -1.30 -7.59
N LYS A 2 -29.10 -2.34 -7.41
CA LYS A 2 -28.88 -3.62 -8.08
C LYS A 2 -30.24 -4.30 -8.22
N TYR A 3 -30.58 -4.74 -9.44
CA TYR A 3 -31.89 -5.37 -9.65
C TYR A 3 -31.89 -6.81 -10.16
N PRO A 4 -31.43 -7.04 -11.40
CA PRO A 4 -31.45 -8.43 -11.86
C PRO A 4 -30.86 -9.36 -10.80
N PRO A 5 -31.72 -10.14 -10.12
CA PRO A 5 -31.29 -11.08 -9.08
C PRO A 5 -30.12 -11.95 -9.48
N SER A 6 -29.97 -12.20 -10.78
CA SER A 6 -28.87 -13.03 -11.24
C SER A 6 -27.55 -12.30 -10.97
N LEU A 7 -27.54 -11.00 -11.21
CA LEU A 7 -26.34 -10.19 -10.98
C LEU A 7 -26.12 -10.03 -9.47
N VAL A 8 -27.19 -9.79 -8.73
CA VAL A 8 -27.07 -9.65 -7.28
C VAL A 8 -26.59 -10.99 -6.72
N SER A 9 -26.99 -12.07 -7.36
CA SER A 9 -26.61 -13.39 -6.89
C SER A 9 -25.15 -13.73 -7.15
N LEU A 10 -24.63 -13.25 -8.27
CA LEU A 10 -23.25 -13.52 -8.62
C LEU A 10 -22.32 -12.70 -7.72
N ILE A 11 -22.66 -11.43 -7.51
CA ILE A 11 -21.85 -10.54 -6.70
C ILE A 11 -21.66 -11.15 -5.32
N ARG A 12 -22.76 -11.68 -4.77
CA ARG A 12 -22.76 -12.28 -3.46
C ARG A 12 -21.79 -13.45 -3.43
N GLU A 13 -22.10 -14.50 -4.18
CA GLU A 13 -21.24 -15.67 -4.23
C GLU A 13 -19.76 -15.34 -4.51
N LEU A 14 -19.49 -14.43 -5.44
CA LEU A 14 -18.09 -14.10 -5.74
C LEU A 14 -17.48 -13.42 -4.52
N SER A 15 -18.21 -12.46 -3.95
CA SER A 15 -17.76 -11.71 -2.77
C SER A 15 -17.56 -12.59 -1.53
N ARG A 16 -18.02 -13.84 -1.61
CA ARG A 16 -17.90 -14.78 -0.52
C ARG A 16 -16.49 -15.40 -0.57
N LEU A 17 -15.77 -15.10 -1.64
CA LEU A 17 -14.42 -15.60 -1.83
C LEU A 17 -13.40 -14.70 -1.13
N PRO A 18 -12.30 -15.28 -0.65
CA PRO A 18 -11.25 -14.52 0.03
C PRO A 18 -10.50 -13.61 -0.93
N GLY A 19 -10.12 -12.43 -0.45
CA GLY A 19 -9.39 -11.47 -1.26
C GLY A 19 -10.25 -10.87 -2.37
N ILE A 20 -11.56 -10.77 -2.14
CA ILE A 20 -12.47 -10.21 -3.15
C ILE A 20 -13.69 -9.55 -2.51
N GLY A 21 -13.60 -8.24 -2.34
CA GLY A 21 -14.68 -7.48 -1.74
C GLY A 21 -15.76 -7.05 -2.74
N PRO A 22 -16.92 -6.61 -2.22
CA PRO A 22 -18.09 -6.15 -2.98
C PRO A 22 -17.74 -5.39 -4.25
N LYS A 23 -16.93 -4.36 -4.10
CA LYS A 23 -16.53 -3.55 -5.24
C LYS A 23 -15.83 -4.46 -6.27
N SER A 24 -14.97 -5.36 -5.81
CA SER A 24 -14.26 -6.24 -6.72
C SER A 24 -15.13 -7.36 -7.29
N ALA A 25 -16.16 -7.76 -6.57
CA ALA A 25 -17.05 -8.80 -7.04
C ALA A 25 -17.83 -8.26 -8.24
N GLN A 26 -18.33 -7.04 -8.10
CA GLN A 26 -19.08 -6.41 -9.16
C GLN A 26 -18.15 -6.28 -10.37
N ARG A 27 -16.97 -5.75 -10.12
CA ARG A 27 -15.98 -5.57 -11.16
C ARG A 27 -15.86 -6.92 -11.88
N LEU A 28 -15.92 -8.00 -11.12
CA LEU A 28 -15.80 -9.34 -11.66
C LEU A 28 -17.03 -9.85 -12.41
N ALA A 29 -18.22 -9.51 -11.93
CA ALA A 29 -19.44 -9.96 -12.58
C ALA A 29 -19.59 -9.33 -13.97
N PHE A 30 -19.21 -8.06 -14.08
CA PHE A 30 -19.30 -7.35 -15.35
C PHE A 30 -18.23 -7.74 -16.37
N HIS A 31 -17.27 -8.56 -15.93
CA HIS A 31 -16.22 -9.04 -16.80
C HIS A 31 -16.65 -10.42 -17.33
N LEU A 32 -17.38 -11.15 -16.48
CA LEU A 32 -17.90 -12.47 -16.82
C LEU A 32 -18.98 -12.34 -17.87
N PHE A 33 -19.61 -11.17 -17.89
CA PHE A 33 -20.68 -10.81 -18.81
C PHE A 33 -20.13 -10.68 -20.23
N GLU A 34 -18.96 -10.07 -20.33
CA GLU A 34 -18.29 -9.84 -21.61
C GLU A 34 -17.68 -11.11 -22.16
N GLN A 35 -17.66 -12.18 -21.37
CA GLN A 35 -17.05 -13.43 -21.81
C GLN A 35 -17.98 -14.37 -22.56
N PRO A 36 -17.42 -15.16 -23.49
CA PRO A 36 -18.19 -16.11 -24.28
C PRO A 36 -18.64 -17.32 -23.46
N ARG A 37 -19.91 -17.67 -23.61
CA ARG A 37 -20.52 -18.78 -22.90
C ARG A 37 -19.64 -20.00 -22.68
N GLU A 38 -18.72 -20.26 -23.60
CA GLU A 38 -17.85 -21.43 -23.48
C GLU A 38 -17.02 -21.35 -22.21
N ASP A 39 -16.60 -20.14 -21.87
CA ASP A 39 -15.80 -19.91 -20.67
C ASP A 39 -16.58 -20.04 -19.38
N ILE A 40 -17.70 -19.33 -19.29
CA ILE A 40 -18.53 -19.41 -18.10
C ILE A 40 -18.75 -20.89 -17.78
N GLU A 41 -19.13 -21.67 -18.79
CA GLU A 41 -19.35 -23.10 -18.57
C GLU A 41 -18.07 -23.74 -18.08
N ARG A 42 -16.96 -23.50 -18.79
CA ARG A 42 -15.70 -24.12 -18.39
C ARG A 42 -15.28 -23.71 -16.99
N LEU A 43 -15.64 -22.50 -16.56
CA LEU A 43 -15.34 -22.06 -15.21
C LEU A 43 -16.25 -22.88 -14.28
N ALA A 44 -17.54 -22.88 -14.57
CA ALA A 44 -18.48 -23.62 -13.74
C ALA A 44 -18.07 -25.07 -13.62
N SER A 45 -17.84 -25.72 -14.76
CA SER A 45 -17.47 -27.12 -14.74
C SER A 45 -16.19 -27.34 -13.94
N ALA A 46 -15.17 -26.54 -14.20
CA ALA A 46 -13.88 -26.65 -13.49
C ALA A 46 -14.13 -26.63 -11.99
N LEU A 47 -15.00 -25.73 -11.55
CA LEU A 47 -15.37 -25.62 -10.14
C LEU A 47 -15.96 -26.93 -9.67
N LEU A 48 -17.02 -27.36 -10.34
CA LEU A 48 -17.72 -28.59 -9.99
C LEU A 48 -16.83 -29.83 -10.11
N GLU A 49 -16.16 -30.00 -11.25
CA GLU A 49 -15.28 -31.15 -11.42
C GLU A 49 -14.46 -31.28 -10.13
N ALA A 50 -13.52 -30.35 -9.95
CA ALA A 50 -12.63 -30.35 -8.80
C ALA A 50 -13.31 -30.68 -7.47
N LYS A 51 -14.45 -30.06 -7.21
CA LYS A 51 -15.15 -30.34 -5.95
C LYS A 51 -15.47 -31.81 -5.83
N ARG A 52 -15.65 -32.47 -6.97
CA ARG A 52 -15.96 -33.88 -6.97
C ARG A 52 -14.68 -34.74 -6.92
N ASP A 53 -13.79 -34.52 -7.89
CA ASP A 53 -12.54 -35.28 -7.99
C ASP A 53 -11.54 -35.03 -6.86
N LEU A 54 -11.59 -33.84 -6.26
CA LEU A 54 -10.66 -33.51 -5.20
C LEU A 54 -10.99 -34.01 -3.82
N HIS A 55 -10.05 -34.75 -3.25
CA HIS A 55 -10.18 -35.28 -1.91
C HIS A 55 -8.81 -35.32 -1.26
N VAL A 56 -8.80 -35.54 0.04
CA VAL A 56 -7.57 -35.59 0.79
C VAL A 56 -6.94 -36.98 0.70
N CYS A 57 -5.61 -37.04 0.61
CA CYS A 57 -4.90 -38.32 0.54
C CYS A 57 -5.06 -39.06 1.86
N PRO A 58 -5.29 -40.37 1.82
CA PRO A 58 -5.46 -41.15 3.05
C PRO A 58 -4.19 -41.30 3.89
N ILE A 59 -3.04 -41.39 3.22
CA ILE A 59 -1.74 -41.54 3.90
C ILE A 59 -1.34 -40.20 4.50
N CYS A 60 -0.82 -39.33 3.66
CA CYS A 60 -0.47 -37.98 4.06
C CYS A 60 -1.79 -37.37 3.64
N PHE A 61 -2.09 -36.14 4.03
CA PHE A 61 -3.37 -35.61 3.60
C PHE A 61 -3.23 -34.48 2.58
N ASN A 62 -2.32 -34.71 1.64
CA ASN A 62 -2.06 -33.78 0.55
C ASN A 62 -3.19 -33.96 -0.46
N ILE A 63 -3.62 -32.89 -1.10
CA ILE A 63 -4.72 -32.98 -2.05
C ILE A 63 -4.45 -33.75 -3.33
N THR A 64 -5.39 -34.63 -3.70
CA THR A 64 -5.29 -35.41 -4.94
C THR A 64 -6.64 -35.90 -5.41
N ASP A 65 -6.61 -36.73 -6.44
CA ASP A 65 -7.80 -37.31 -7.05
C ASP A 65 -7.64 -38.84 -7.20
N ALA A 66 -6.63 -39.41 -6.54
CA ALA A 66 -6.37 -40.85 -6.63
C ALA A 66 -6.48 -41.62 -5.31
N GLU A 67 -5.85 -42.79 -5.27
CA GLU A 67 -5.85 -43.63 -4.06
C GLU A 67 -4.79 -43.04 -3.13
N LYS A 68 -3.64 -42.69 -3.71
CA LYS A 68 -2.55 -42.09 -2.95
C LYS A 68 -2.14 -40.82 -3.69
N CYS A 69 -1.60 -39.84 -2.96
CA CYS A 69 -1.17 -38.60 -3.58
C CYS A 69 0.01 -38.89 -4.51
N ASP A 70 0.26 -38.03 -5.49
CA ASP A 70 1.38 -38.24 -6.42
C ASP A 70 2.72 -38.37 -5.68
N VAL A 71 2.82 -37.71 -4.52
CA VAL A 71 4.04 -37.77 -3.73
C VAL A 71 4.18 -39.15 -3.13
N CYS A 72 3.08 -39.65 -2.55
CA CYS A 72 3.09 -40.97 -1.93
C CYS A 72 3.40 -42.02 -3.01
N ALA A 73 2.74 -41.92 -4.16
CA ALA A 73 2.95 -42.87 -5.25
C ALA A 73 4.38 -42.87 -5.75
N ASP A 74 4.82 -41.72 -6.28
CA ASP A 74 6.16 -41.56 -6.81
C ASP A 74 7.19 -42.38 -6.02
N PRO A 75 7.90 -43.28 -6.72
CA PRO A 75 8.93 -44.18 -6.16
C PRO A 75 10.34 -43.59 -6.07
N SER A 76 10.59 -42.52 -6.81
CA SER A 76 11.90 -41.87 -6.80
C SER A 76 12.03 -40.90 -5.62
N ARG A 77 10.94 -40.70 -4.89
CA ARG A 77 10.94 -39.80 -3.75
C ARG A 77 11.53 -40.43 -2.50
N ASP A 78 12.41 -39.69 -1.85
CA ASP A 78 13.05 -40.14 -0.63
C ASP A 78 12.00 -40.58 0.38
N GLN A 79 11.83 -41.89 0.51
CA GLN A 79 10.84 -42.49 1.40
C GLN A 79 11.19 -42.40 2.88
N ARG A 80 12.31 -41.76 3.20
CA ARG A 80 12.71 -41.70 4.59
C ARG A 80 12.54 -40.37 5.30
N THR A 81 12.08 -39.34 4.61
CA THR A 81 11.89 -38.06 5.28
C THR A 81 10.45 -37.54 5.13
N ILE A 82 9.84 -37.14 6.25
CA ILE A 82 8.48 -36.61 6.23
C ILE A 82 8.49 -35.16 6.69
N CYS A 83 7.95 -34.31 5.84
CA CYS A 83 7.89 -32.88 6.09
C CYS A 83 6.49 -32.51 6.52
N VAL A 84 6.30 -32.30 7.82
CA VAL A 84 4.97 -31.95 8.32
C VAL A 84 4.67 -30.49 7.98
N VAL A 85 3.47 -30.26 7.45
CA VAL A 85 3.07 -28.92 7.07
C VAL A 85 1.64 -28.60 7.48
N GLU A 86 1.35 -27.30 7.58
CA GLU A 86 0.03 -26.80 7.98
C GLU A 86 -1.01 -26.91 6.86
N GLU A 87 -0.63 -26.52 5.66
CA GLU A 87 -1.56 -26.52 4.54
C GLU A 87 -1.01 -27.07 3.22
N PRO A 88 -1.89 -27.67 2.41
CA PRO A 88 -1.49 -28.25 1.12
C PRO A 88 -0.76 -27.24 0.24
N GLY A 89 -1.01 -25.96 0.47
CA GLY A 89 -0.34 -24.94 -0.30
C GLY A 89 1.14 -24.89 0.05
N ASP A 90 1.48 -25.27 1.28
CA ASP A 90 2.87 -25.27 1.69
C ASP A 90 3.59 -26.39 0.95
N VAL A 91 2.88 -27.46 0.62
CA VAL A 91 3.51 -28.56 -0.10
C VAL A 91 3.97 -28.02 -1.45
N ILE A 92 3.15 -27.20 -2.09
CA ILE A 92 3.53 -26.63 -3.37
C ILE A 92 4.73 -25.72 -3.15
N ALA A 93 4.60 -24.81 -2.20
CA ALA A 93 5.68 -23.87 -1.88
C ALA A 93 6.99 -24.58 -1.64
N LEU A 94 6.98 -25.62 -0.81
CA LEU A 94 8.20 -26.38 -0.52
C LEU A 94 8.53 -27.34 -1.65
N GLU A 95 7.66 -27.43 -2.65
CA GLU A 95 7.89 -28.31 -3.80
C GLU A 95 8.51 -27.51 -4.95
N ARG A 96 7.96 -26.34 -5.21
CA ARG A 96 8.45 -25.44 -6.25
C ARG A 96 9.73 -24.79 -5.72
N SER A 97 10.23 -25.31 -4.61
CA SER A 97 11.43 -24.78 -3.97
C SER A 97 12.68 -25.49 -4.46
N GLY A 98 12.49 -26.49 -5.32
CA GLY A 98 13.60 -27.26 -5.88
C GLY A 98 14.72 -27.70 -4.94
N GLU A 99 14.36 -28.23 -3.77
CA GLU A 99 15.33 -28.67 -2.79
C GLU A 99 14.79 -29.73 -1.83
N TYR A 100 13.71 -30.39 -2.21
CA TYR A 100 13.15 -31.41 -1.32
C TYR A 100 12.37 -32.46 -2.09
N ARG A 101 12.84 -33.72 -2.03
CA ARG A 101 12.16 -34.79 -2.73
C ARG A 101 11.56 -35.85 -1.79
N GLY A 102 11.32 -35.48 -0.53
CA GLY A 102 10.77 -36.43 0.41
C GLY A 102 9.25 -36.53 0.45
N LEU A 103 8.75 -37.07 1.54
CA LEU A 103 7.31 -37.22 1.68
C LEU A 103 6.77 -36.04 2.50
N TYR A 104 5.50 -35.71 2.31
CA TYR A 104 4.90 -34.62 3.08
C TYR A 104 3.80 -35.16 3.98
N HIS A 105 3.34 -34.35 4.91
CA HIS A 105 2.22 -34.71 5.77
C HIS A 105 1.47 -33.40 6.06
N VAL A 106 0.16 -33.40 5.89
CA VAL A 106 -0.61 -32.19 6.09
C VAL A 106 -1.62 -32.15 7.24
N LEU A 107 -1.26 -31.44 8.30
CA LEU A 107 -2.16 -31.27 9.42
C LEU A 107 -3.03 -30.24 8.74
N HIS A 108 -4.33 -30.41 8.67
CA HIS A 108 -5.07 -29.39 7.96
C HIS A 108 -5.33 -28.16 8.82
N GLY A 109 -4.26 -27.63 9.38
CA GLY A 109 -4.37 -26.43 10.20
C GLY A 109 -3.24 -26.28 11.21
N VAL A 110 -3.50 -25.47 12.23
CA VAL A 110 -2.51 -25.24 13.27
C VAL A 110 -3.21 -25.35 14.60
N LEU A 111 -2.49 -25.79 15.62
CA LEU A 111 -3.06 -25.90 16.94
C LEU A 111 -3.42 -24.49 17.43
N SER A 112 -4.27 -24.43 18.45
CA SER A 112 -4.69 -23.17 19.03
C SER A 112 -5.51 -23.49 20.26
N PRO A 113 -4.85 -23.55 21.42
CA PRO A 113 -5.49 -23.85 22.71
C PRO A 113 -6.71 -22.96 22.97
N MET A 114 -6.62 -21.71 22.53
CA MET A 114 -7.68 -20.74 22.71
C MET A 114 -9.05 -21.22 22.25
N ASN A 115 -9.11 -21.75 21.03
CA ASN A 115 -10.38 -22.20 20.46
C ASN A 115 -10.63 -23.70 20.54
N GLY A 116 -10.17 -24.32 21.63
CA GLY A 116 -10.37 -25.75 21.82
C GLY A 116 -9.92 -26.59 20.63
N VAL A 117 -9.22 -25.97 19.68
CA VAL A 117 -8.73 -26.68 18.51
C VAL A 117 -7.50 -27.46 18.94
N GLY A 118 -7.65 -28.79 19.03
CA GLY A 118 -6.55 -29.62 19.45
C GLY A 118 -6.13 -30.64 18.42
N PRO A 119 -5.07 -31.41 18.70
CA PRO A 119 -4.54 -32.43 17.80
C PRO A 119 -5.56 -33.50 17.41
N ASP A 120 -6.83 -33.12 17.38
CA ASP A 120 -7.87 -34.06 17.00
C ASP A 120 -8.65 -33.40 15.90
N LYS A 121 -8.39 -32.10 15.71
CA LYS A 121 -9.04 -31.34 14.66
C LYS A 121 -8.03 -31.22 13.53
N LEU A 122 -6.81 -31.69 13.80
CA LEU A 122 -5.73 -31.70 12.81
C LEU A 122 -5.26 -33.15 12.60
N HIS A 123 -4.85 -33.47 11.37
CA HIS A 123 -4.42 -34.80 11.03
C HIS A 123 -3.12 -35.25 11.70
N ILE A 124 -3.05 -35.11 13.01
CA ILE A 124 -1.84 -35.50 13.72
C ILE A 124 -1.76 -37.00 13.97
N LYS A 125 -2.90 -37.65 14.15
CA LYS A 125 -2.91 -39.10 14.38
C LYS A 125 -2.29 -39.90 13.23
N PRO A 126 -2.86 -39.81 12.01
CA PRO A 126 -2.33 -40.56 10.87
C PRO A 126 -0.85 -40.36 10.55
N LEU A 127 -0.19 -39.49 11.31
CA LEU A 127 1.23 -39.24 11.10
C LEU A 127 2.08 -40.23 11.89
N LEU A 128 1.73 -40.40 13.17
CA LEU A 128 2.44 -41.32 14.07
C LEU A 128 2.82 -42.64 13.40
N PRO A 129 1.83 -43.41 12.92
CA PRO A 129 2.16 -44.68 12.29
C PRO A 129 3.13 -44.56 11.10
N ARG A 130 3.19 -43.40 10.46
CA ARG A 130 4.10 -43.23 9.32
C ARG A 130 5.54 -43.01 9.77
N VAL A 131 5.72 -42.62 11.03
CA VAL A 131 7.04 -42.36 11.55
C VAL A 131 7.73 -43.57 12.18
N GLY A 132 8.91 -43.87 11.68
CA GLY A 132 9.68 -44.99 12.19
C GLY A 132 11.12 -44.55 12.41
N GLN A 133 12.01 -45.51 12.66
CA GLN A 133 13.40 -45.19 12.88
C GLN A 133 14.18 -45.13 11.57
N GLY A 134 15.30 -44.40 11.58
CA GLY A 134 16.09 -44.26 10.39
C GLY A 134 15.36 -43.33 9.45
N MET A 135 14.49 -42.51 10.04
CA MET A 135 13.68 -41.53 9.33
C MET A 135 13.83 -40.15 9.96
N GLU A 136 13.45 -39.13 9.22
CA GLU A 136 13.52 -37.77 9.74
C GLU A 136 12.18 -37.07 9.60
N VAL A 137 11.79 -36.35 10.64
CA VAL A 137 10.55 -35.61 10.57
C VAL A 137 10.88 -34.14 10.62
N ILE A 138 10.75 -33.49 9.47
CA ILE A 138 11.04 -32.07 9.38
C ILE A 138 9.75 -31.36 9.74
N LEU A 139 9.83 -30.47 10.72
CA LEU A 139 8.65 -29.72 11.13
C LEU A 139 8.64 -28.40 10.39
N ALA A 140 7.72 -28.29 9.44
CA ALA A 140 7.62 -27.10 8.63
C ALA A 140 6.33 -26.33 8.83
N THR A 141 5.87 -26.26 10.08
CA THR A 141 4.67 -25.52 10.38
C THR A 141 5.09 -24.05 10.41
N GLY A 142 4.11 -23.16 10.40
CA GLY A 142 4.38 -21.74 10.41
C GLY A 142 5.34 -21.26 11.50
N THR A 143 5.38 -19.97 11.72
CA THR A 143 6.29 -19.43 12.72
C THR A 143 5.54 -18.49 13.64
N THR A 144 4.22 -18.52 13.53
CA THR A 144 3.38 -17.72 14.39
C THR A 144 3.43 -18.52 15.68
N VAL A 145 2.82 -18.00 16.75
CA VAL A 145 2.83 -18.73 18.02
C VAL A 145 2.08 -20.05 17.78
N GLU A 146 1.25 -20.05 16.75
CA GLU A 146 0.49 -21.21 16.36
C GLU A 146 1.42 -22.28 15.77
N GLY A 147 2.17 -21.90 14.74
CA GLY A 147 3.09 -22.82 14.10
C GLY A 147 4.16 -23.27 15.06
N ASP A 148 4.63 -22.34 15.89
CA ASP A 148 5.66 -22.62 16.87
C ASP A 148 5.12 -23.63 17.87
N ALA A 149 3.89 -23.41 18.30
CA ALA A 149 3.25 -24.29 19.26
C ALA A 149 2.94 -25.68 18.68
N THR A 150 2.38 -25.72 17.47
CA THR A 150 2.05 -27.00 16.84
C THR A 150 3.29 -27.87 16.75
N ALA A 151 4.37 -27.28 16.25
CA ALA A 151 5.65 -27.96 16.08
C ALA A 151 6.17 -28.57 17.37
N LEU A 152 6.23 -27.78 18.42
CA LEU A 152 6.71 -28.30 19.70
C LEU A 152 5.81 -29.42 20.17
N TYR A 153 4.52 -29.32 19.87
CA TYR A 153 3.61 -30.40 20.26
C TYR A 153 4.00 -31.63 19.48
N LEU A 154 4.22 -31.44 18.17
CA LEU A 154 4.57 -32.55 17.29
C LEU A 154 5.89 -33.18 17.71
N GLN A 155 6.85 -32.33 18.07
CA GLN A 155 8.14 -32.81 18.53
C GLN A 155 7.93 -33.77 19.72
N ARG A 156 7.21 -33.29 20.73
CA ARG A 156 6.92 -34.09 21.92
C ARG A 156 6.34 -35.43 21.50
N LEU A 157 5.27 -35.38 20.73
CA LEU A 157 4.58 -36.58 20.27
C LEU A 157 5.45 -37.56 19.53
N LEU A 158 6.16 -37.08 18.51
CA LEU A 158 6.99 -37.98 17.71
C LEU A 158 8.23 -38.52 18.43
N GLU A 159 8.69 -37.80 19.45
CA GLU A 159 9.86 -38.20 20.23
C GLU A 159 9.98 -39.69 20.53
N PRO A 160 8.99 -40.29 21.21
CA PRO A 160 9.05 -41.72 21.54
C PRO A 160 9.34 -42.64 20.34
N LEU A 161 8.95 -42.24 19.14
CA LEU A 161 9.24 -43.05 17.96
C LEU A 161 10.72 -42.77 17.67
N GLY A 162 11.42 -43.69 17.03
CA GLY A 162 12.85 -43.47 16.83
C GLY A 162 13.37 -42.63 15.68
N ALA A 163 12.66 -41.55 15.31
CA ALA A 163 13.11 -40.71 14.20
C ALA A 163 13.82 -39.41 14.56
N ALA A 164 14.59 -38.88 13.63
CA ALA A 164 15.25 -37.62 13.87
C ALA A 164 14.20 -36.52 13.60
N ILE A 165 14.02 -35.62 14.55
CA ILE A 165 13.06 -34.54 14.39
C ILE A 165 13.83 -33.25 14.16
N SER A 166 13.39 -32.47 13.18
CA SER A 166 14.02 -31.21 12.87
C SER A 166 12.97 -30.17 12.60
N ARG A 167 13.35 -28.91 12.73
CA ARG A 167 12.46 -27.78 12.50
C ARG A 167 13.16 -26.90 11.44
N ILE A 168 12.39 -26.25 10.57
CA ILE A 168 12.99 -25.43 9.54
C ILE A 168 13.65 -24.23 10.21
N ALA A 169 14.64 -23.63 9.54
CA ALA A 169 15.38 -22.52 10.11
C ALA A 169 14.70 -21.16 10.26
N TYR A 170 14.56 -20.70 11.49
CA TYR A 170 14.01 -19.37 11.72
C TYR A 170 15.16 -18.52 11.25
N GLY A 171 14.89 -17.48 10.48
CA GLY A 171 15.99 -16.67 10.01
C GLY A 171 15.61 -15.53 9.10
N VAL A 172 16.61 -14.75 8.70
CA VAL A 172 16.32 -13.62 7.85
C VAL A 172 15.91 -14.17 6.50
N PRO A 173 14.92 -13.53 5.85
CA PRO A 173 14.48 -14.03 4.54
C PRO A 173 15.48 -13.63 3.44
N VAL A 174 15.45 -14.31 2.31
CA VAL A 174 16.39 -13.99 1.23
C VAL A 174 16.05 -12.68 0.53
N GLY A 175 17.06 -11.83 0.35
CA GLY A 175 16.82 -10.56 -0.32
C GLY A 175 16.40 -9.46 0.62
N GLY A 176 17.02 -9.44 1.79
CA GLY A 176 16.71 -8.41 2.76
C GLY A 176 17.96 -7.90 3.44
N SER A 177 17.82 -6.80 4.18
CA SER A 177 18.95 -6.25 4.90
C SER A 177 18.47 -6.14 6.34
N LEU A 178 19.39 -6.36 7.27
CA LEU A 178 19.07 -6.33 8.70
C LEU A 178 18.21 -5.15 9.12
N GLU A 179 18.46 -3.99 8.53
CA GLU A 179 17.72 -2.81 8.93
C GLU A 179 16.21 -2.98 8.91
N TYR A 180 15.68 -3.70 7.93
CA TYR A 180 14.24 -3.85 7.88
C TYR A 180 13.76 -5.20 8.37
N THR A 181 14.64 -5.93 9.05
CA THR A 181 14.32 -7.23 9.59
C THR A 181 13.87 -7.16 11.06
N ASP A 182 12.76 -7.81 11.37
CA ASP A 182 12.24 -7.82 12.71
C ASP A 182 13.30 -8.26 13.73
N GLU A 183 13.20 -7.68 14.93
CA GLU A 183 14.11 -7.93 16.03
C GLU A 183 14.23 -9.41 16.42
N VAL A 184 13.09 -10.04 16.66
CA VAL A 184 13.07 -11.45 17.05
C VAL A 184 13.63 -12.34 15.93
N THR A 185 13.48 -11.92 14.68
CA THR A 185 14.02 -12.71 13.60
C THR A 185 15.54 -12.65 13.72
N LEU A 186 16.09 -11.44 13.75
CA LEU A 186 17.54 -11.25 13.85
C LEU A 186 18.14 -12.06 14.98
N GLY A 187 17.53 -11.99 16.15
CA GLY A 187 18.03 -12.75 17.28
C GLY A 187 18.02 -14.24 16.99
N ARG A 188 17.14 -14.71 16.11
CA ARG A 188 17.10 -16.12 15.79
C ARG A 188 18.10 -16.42 14.69
N ALA A 189 18.22 -15.50 13.74
CA ALA A 189 19.17 -15.70 12.66
C ALA A 189 20.57 -15.69 13.25
N LEU A 190 20.72 -15.02 14.39
CA LEU A 190 22.02 -14.93 15.04
C LEU A 190 22.32 -16.16 15.88
N THR A 191 21.43 -16.49 16.82
CA THR A 191 21.64 -17.63 17.70
C THR A 191 21.69 -18.90 16.87
N GLY A 192 21.05 -18.86 15.71
CA GLY A 192 21.04 -20.03 14.86
C GLY A 192 22.07 -19.95 13.76
N ARG A 193 23.06 -19.08 13.94
CA ARG A 193 24.10 -18.91 12.93
C ARG A 193 24.81 -20.21 12.60
N GLN A 194 25.15 -20.37 11.32
CA GLN A 194 25.86 -21.57 10.85
C GLN A 194 27.34 -21.22 10.71
N THR A 195 28.20 -22.16 11.10
CA THR A 195 29.64 -21.95 11.00
C THR A 195 30.06 -22.31 9.57
N VAL A 196 30.66 -21.36 8.86
CA VAL A 196 31.10 -21.63 7.49
C VAL A 196 32.52 -22.14 7.43
N SER A 197 33.24 -22.00 8.52
CA SER A 197 34.60 -22.50 8.56
C SER A 197 35.03 -22.61 10.01
N LYS A 198 35.69 -23.73 10.33
CA LYS A 198 36.22 -23.97 11.67
C LYS A 198 37.74 -23.98 11.52
N PRO A 199 38.44 -23.08 12.24
CA PRO A 199 39.90 -22.99 12.16
C PRO A 199 40.63 -24.31 12.34
N LYS B 2 4.12 29.17 -3.97
CA LYS B 2 5.20 29.34 -2.94
C LYS B 2 6.23 30.36 -3.39
N TYR B 3 6.35 31.45 -2.64
CA TYR B 3 7.29 32.50 -3.01
C TYR B 3 8.33 32.85 -1.94
N PRO B 4 7.95 32.87 -0.65
CA PRO B 4 8.98 33.22 0.32
C PRO B 4 10.21 32.33 0.21
N PRO B 5 11.37 32.93 -0.14
CA PRO B 5 12.64 32.21 -0.30
C PRO B 5 13.03 31.32 0.87
N SER B 6 12.59 31.67 2.07
CA SER B 6 12.89 30.88 3.24
C SER B 6 12.07 29.58 3.26
N LEU B 7 10.82 29.64 2.78
CA LEU B 7 9.95 28.49 2.77
C LEU B 7 10.48 27.53 1.73
N VAL B 8 10.88 28.10 0.59
CA VAL B 8 11.40 27.34 -0.52
C VAL B 8 12.69 26.63 -0.10
N SER B 9 13.69 27.44 0.23
CA SER B 9 14.98 26.94 0.64
C SER B 9 14.84 25.82 1.67
N LEU B 10 13.86 25.94 2.57
CA LEU B 10 13.67 24.92 3.58
C LEU B 10 13.05 23.67 2.96
N ILE B 11 12.15 23.85 2.00
CA ILE B 11 11.56 22.70 1.33
C ILE B 11 12.67 21.92 0.60
N ARG B 12 13.42 22.64 -0.22
CA ARG B 12 14.53 22.05 -0.99
C ARG B 12 15.39 21.17 -0.08
N GLU B 13 15.96 21.78 0.95
CA GLU B 13 16.81 21.08 1.90
C GLU B 13 16.15 19.87 2.57
N LEU B 14 14.87 20.00 2.90
CA LEU B 14 14.16 18.91 3.56
C LEU B 14 13.90 17.76 2.59
N SER B 15 13.50 18.12 1.37
CA SER B 15 13.18 17.13 0.35
C SER B 15 14.42 16.38 -0.12
N ARG B 16 15.57 16.75 0.42
CA ARG B 16 16.83 16.10 0.08
C ARG B 16 16.92 14.87 0.97
N LEU B 17 16.28 14.95 2.12
CA LEU B 17 16.28 13.85 3.07
C LEU B 17 15.58 12.61 2.50
N PRO B 18 16.19 11.44 2.69
CA PRO B 18 15.62 10.18 2.22
C PRO B 18 14.29 9.90 2.91
N GLY B 19 13.27 9.56 2.13
CA GLY B 19 11.98 9.27 2.72
C GLY B 19 10.94 10.38 2.57
N ILE B 20 11.38 11.64 2.47
CA ILE B 20 10.39 12.71 2.32
C ILE B 20 10.38 13.31 0.92
N GLY B 21 9.21 13.22 0.28
CA GLY B 21 9.07 13.74 -1.06
C GLY B 21 8.65 15.20 -1.02
N PRO B 22 8.53 15.85 -2.19
CA PRO B 22 8.13 17.26 -2.27
C PRO B 22 6.95 17.56 -1.36
N LYS B 23 5.84 16.85 -1.56
CA LYS B 23 4.66 17.07 -0.75
C LYS B 23 4.98 16.95 0.74
N SER B 24 5.55 15.81 1.11
CA SER B 24 5.92 15.52 2.49
C SER B 24 6.83 16.61 3.07
N ALA B 25 7.76 17.11 2.26
CA ALA B 25 8.66 18.14 2.71
C ALA B 25 7.88 19.41 2.98
N GLN B 26 7.02 19.81 2.04
CA GLN B 26 6.24 21.01 2.26
C GLN B 26 5.46 20.91 3.57
N ARG B 27 4.89 19.74 3.84
CA ARG B 27 4.14 19.50 5.07
C ARG B 27 5.00 19.70 6.33
N LEU B 28 6.25 19.26 6.27
CA LEU B 28 7.16 19.39 7.42
C LEU B 28 7.51 20.85 7.67
N ALA B 29 7.53 21.63 6.59
CA ALA B 29 7.86 23.04 6.65
C ALA B 29 6.77 23.78 7.41
N PHE B 30 5.53 23.54 7.01
CA PHE B 30 4.39 24.16 7.63
C PHE B 30 4.15 23.74 9.06
N HIS B 31 4.75 22.61 9.44
CA HIS B 31 4.64 22.10 10.81
C HIS B 31 5.69 22.85 11.61
N LEU B 32 6.86 23.04 11.01
CA LEU B 32 7.97 23.75 11.63
C LEU B 32 7.53 25.17 11.87
N PHE B 33 6.61 25.62 11.05
CA PHE B 33 6.09 26.96 11.15
C PHE B 33 5.40 27.19 12.50
N GLU B 34 4.41 26.37 12.82
CA GLU B 34 3.68 26.55 14.07
C GLU B 34 4.42 26.03 15.29
N GLN B 35 5.75 25.92 15.16
CA GLN B 35 6.58 25.48 16.27
C GLN B 35 7.35 26.71 16.77
N PRO B 36 7.73 26.72 18.05
CA PRO B 36 8.46 27.83 18.68
C PRO B 36 9.95 27.78 18.42
N ARG B 37 10.55 28.95 18.24
CA ARG B 37 11.98 29.05 17.99
C ARG B 37 12.78 28.00 18.75
N GLU B 38 12.58 27.94 20.06
CA GLU B 38 13.30 26.98 20.89
C GLU B 38 13.49 25.61 20.24
N ASP B 39 12.42 25.08 19.66
CA ASP B 39 12.48 23.78 19.00
C ASP B 39 13.33 23.83 17.72
N ILE B 40 13.08 24.85 16.91
CA ILE B 40 13.83 25.00 15.67
C ILE B 40 15.32 25.13 15.97
N GLU B 41 15.66 25.81 17.05
CA GLU B 41 17.06 25.98 17.40
C GLU B 41 17.58 24.69 17.99
N ARG B 42 16.73 23.96 18.70
CA ARG B 42 17.16 22.71 19.30
C ARG B 42 17.34 21.64 18.22
N LEU B 43 16.55 21.72 17.16
CA LEU B 43 16.69 20.79 16.04
C LEU B 43 17.98 21.18 15.32
N ALA B 44 18.00 22.39 14.77
CA ALA B 44 19.18 22.87 14.06
C ALA B 44 20.43 22.68 14.90
N SER B 45 20.24 22.58 16.21
CA SER B 45 21.35 22.38 17.13
C SER B 45 21.82 20.92 17.03
N ALA B 46 20.89 19.99 17.22
CA ALA B 46 21.21 18.58 17.14
C ALA B 46 21.93 18.25 15.83
N LEU B 47 21.46 18.82 14.74
CA LEU B 47 22.08 18.58 13.45
C LEU B 47 23.58 18.86 13.49
N LEU B 48 23.93 20.14 13.54
CA LEU B 48 25.31 20.60 13.59
C LEU B 48 26.14 19.93 14.69
N GLU B 49 25.48 19.63 15.79
CA GLU B 49 26.14 19.00 16.92
C GLU B 49 26.56 17.59 16.51
N ALA B 50 25.62 16.86 15.93
CA ALA B 50 25.86 15.49 15.50
C ALA B 50 26.97 15.45 14.50
N LYS B 51 27.00 16.43 13.60
CA LYS B 51 28.05 16.49 12.58
C LYS B 51 29.39 16.66 13.29
N ARG B 52 29.40 17.51 14.30
CA ARG B 52 30.60 17.79 15.09
C ARG B 52 31.13 16.57 15.87
N ASP B 53 30.32 16.06 16.78
CA ASP B 53 30.70 14.95 17.65
C ASP B 53 30.72 13.53 17.10
N LEU B 54 29.85 13.19 16.17
CA LEU B 54 29.82 11.84 15.63
C LEU B 54 30.87 11.57 14.57
N HIS B 55 31.64 10.50 14.80
CA HIS B 55 32.68 10.07 13.88
C HIS B 55 32.72 8.56 13.95
N VAL B 56 33.53 7.95 13.10
CA VAL B 56 33.64 6.50 13.03
C VAL B 56 34.70 5.95 13.98
N CYS B 57 34.33 4.93 14.76
CA CYS B 57 35.29 4.32 15.67
C CYS B 57 36.44 3.70 14.86
N PRO B 58 37.69 3.91 15.30
CA PRO B 58 38.86 3.38 14.60
C PRO B 58 39.10 1.87 14.75
N ILE B 59 38.29 1.21 15.58
CA ILE B 59 38.39 -0.23 15.78
C ILE B 59 37.34 -0.91 14.89
N CYS B 60 36.12 -0.95 15.40
CA CYS B 60 34.96 -1.46 14.67
C CYS B 60 34.45 -0.10 14.29
N PHE B 61 34.06 0.10 13.04
CA PHE B 61 33.64 1.45 12.67
C PHE B 61 32.22 1.83 13.04
N ASN B 62 31.87 1.61 14.30
CA ASN B 62 30.54 1.97 14.73
C ASN B 62 30.48 3.49 14.78
N ILE B 63 29.51 4.05 15.49
CA ILE B 63 29.39 5.51 15.59
C ILE B 63 29.52 5.97 17.03
N THR B 64 30.43 6.92 17.27
CA THR B 64 30.65 7.43 18.61
C THR B 64 31.23 8.83 18.65
N ASP B 65 31.24 9.36 19.87
CA ASP B 65 31.80 10.68 20.15
C ASP B 65 33.16 10.44 20.80
N ALA B 66 33.24 9.39 21.62
CA ALA B 66 34.46 9.03 22.32
C ALA B 66 35.53 8.56 21.34
N GLU B 67 36.73 8.32 21.87
CA GLU B 67 37.85 7.87 21.05
C GLU B 67 37.59 6.43 20.59
N LYS B 68 36.77 5.72 21.34
CA LYS B 68 36.44 4.33 21.00
C LYS B 68 35.01 4.05 21.41
N CYS B 69 34.27 3.37 20.52
CA CYS B 69 32.86 3.03 20.75
C CYS B 69 32.58 2.36 22.09
N ASP B 70 31.48 2.73 22.73
CA ASP B 70 31.12 2.14 24.01
C ASP B 70 31.21 0.63 23.91
N VAL B 71 30.91 0.10 22.73
CA VAL B 71 30.96 -1.35 22.53
C VAL B 71 32.37 -1.84 22.78
N CYS B 72 33.31 -1.36 21.96
CA CYS B 72 34.71 -1.75 22.11
C CYS B 72 35.17 -1.47 23.53
N ALA B 73 34.80 -0.29 24.04
CA ALA B 73 35.16 0.16 25.38
C ALA B 73 34.65 -0.72 26.51
N ASP B 74 33.36 -1.03 26.47
CA ASP B 74 32.77 -1.85 27.52
C ASP B 74 33.58 -3.14 27.69
N PRO B 75 34.28 -3.27 28.81
CA PRO B 75 35.10 -4.46 29.10
C PRO B 75 34.25 -5.65 29.55
N SER B 76 32.93 -5.44 29.61
CA SER B 76 32.00 -6.49 30.03
C SER B 76 31.41 -7.24 28.84
N ARG B 77 31.89 -6.93 27.64
CA ARG B 77 31.39 -7.59 26.45
C ARG B 77 32.23 -8.79 26.04
N ASP B 78 31.69 -9.61 25.15
CA ASP B 78 32.45 -10.75 24.68
C ASP B 78 33.60 -10.16 23.84
N GLN B 79 34.83 -10.51 24.20
CA GLN B 79 35.98 -10.01 23.48
C GLN B 79 36.36 -10.98 22.37
N ARG B 80 35.69 -12.14 22.35
CA ARG B 80 35.98 -13.18 21.38
C ARG B 80 35.21 -13.18 20.08
N THR B 81 34.07 -12.49 20.02
CA THR B 81 33.33 -12.51 18.76
C THR B 81 33.23 -11.16 18.11
N ILE B 82 33.34 -11.16 16.79
CA ILE B 82 33.25 -9.92 16.04
C ILE B 82 32.21 -10.12 14.96
N CYS B 83 31.07 -9.48 15.18
CA CYS B 83 29.93 -9.55 14.27
C CYS B 83 30.04 -8.44 13.23
N VAL B 84 30.29 -8.83 11.98
CA VAL B 84 30.47 -7.93 10.84
C VAL B 84 29.16 -7.55 10.15
N VAL B 85 28.76 -6.29 10.25
CA VAL B 85 27.52 -5.80 9.63
C VAL B 85 27.84 -4.77 8.55
N GLU B 86 26.85 -4.43 7.73
CA GLU B 86 27.02 -3.45 6.66
C GLU B 86 26.86 -2.03 7.15
N GLU B 87 25.92 -1.80 8.07
CA GLU B 87 25.66 -0.45 8.53
C GLU B 87 25.52 -0.27 10.03
N PRO B 88 25.91 0.91 10.54
CA PRO B 88 25.82 1.21 11.98
C PRO B 88 24.44 0.91 12.53
N GLY B 89 23.44 1.05 11.68
CA GLY B 89 22.08 0.76 12.11
C GLY B 89 21.98 -0.69 12.49
N ASP B 90 22.63 -1.55 11.70
CA ASP B 90 22.66 -2.99 11.93
C ASP B 90 23.13 -3.25 13.34
N VAL B 91 24.07 -2.42 13.81
CA VAL B 91 24.57 -2.58 15.16
C VAL B 91 23.39 -2.40 16.10
N ILE B 92 22.80 -1.21 16.08
CA ILE B 92 21.66 -0.90 16.94
C ILE B 92 20.56 -1.94 16.69
N ALA B 93 20.54 -2.50 15.49
CA ALA B 93 19.55 -3.51 15.13
C ALA B 93 19.78 -4.82 15.90
N LEU B 94 21.04 -5.22 16.08
CA LEU B 94 21.34 -6.45 16.82
C LEU B 94 21.37 -6.14 18.32
N GLU B 95 21.66 -4.89 18.65
CA GLU B 95 21.72 -4.45 20.04
C GLU B 95 20.31 -4.24 20.59
N ARG B 96 19.33 -4.85 19.92
CA ARG B 96 17.94 -4.78 20.32
C ARG B 96 17.50 -6.19 20.68
N SER B 97 17.66 -7.12 19.75
CA SER B 97 17.29 -8.51 19.98
C SER B 97 17.94 -8.98 21.28
N GLY B 98 18.89 -8.19 21.77
CA GLY B 98 19.58 -8.48 23.03
C GLY B 98 20.46 -9.72 23.07
N GLU B 99 20.10 -10.73 22.30
CA GLU B 99 20.85 -11.99 22.26
C GLU B 99 22.32 -11.88 21.80
N TYR B 100 22.96 -10.76 22.08
CA TYR B 100 24.35 -10.60 21.68
C TYR B 100 25.13 -9.65 22.56
N ARG B 101 26.21 -10.14 23.13
CA ARG B 101 27.07 -9.34 24.02
C ARG B 101 28.47 -9.18 23.44
N GLY B 102 28.65 -9.58 22.18
CA GLY B 102 29.97 -9.47 21.56
C GLY B 102 30.33 -8.13 20.95
N LEU B 103 31.39 -8.14 20.15
CA LEU B 103 31.88 -6.93 19.47
C LEU B 103 31.25 -6.86 18.07
N TYR B 104 31.46 -5.75 17.37
CA TYR B 104 30.93 -5.60 16.00
C TYR B 104 31.99 -5.05 15.05
N HIS B 105 31.64 -5.00 13.78
CA HIS B 105 32.50 -4.41 12.80
C HIS B 105 31.61 -3.84 11.72
N VAL B 106 31.58 -2.53 11.61
CA VAL B 106 30.76 -1.87 10.60
C VAL B 106 31.54 -1.71 9.31
N LEU B 107 30.98 -2.22 8.22
CA LEU B 107 31.62 -2.15 6.91
C LEU B 107 31.32 -0.83 6.20
N HIS B 108 30.12 -0.30 6.44
CA HIS B 108 29.64 0.93 5.80
C HIS B 108 29.42 0.70 4.32
N GLY B 109 28.61 -0.30 4.00
CA GLY B 109 28.31 -0.60 2.62
C GLY B 109 28.64 -2.03 2.23
N VAL B 110 28.20 -2.45 1.06
CA VAL B 110 28.44 -3.80 0.53
C VAL B 110 29.27 -3.70 -0.72
N LEU B 111 29.74 -4.82 -1.24
CA LEU B 111 30.58 -4.83 -2.43
C LEU B 111 29.92 -4.34 -3.72
N SER B 112 29.11 -5.17 -4.36
CA SER B 112 28.49 -4.78 -5.64
C SER B 112 29.60 -4.21 -6.55
N PRO B 113 30.57 -5.06 -6.94
CA PRO B 113 31.70 -4.70 -7.79
C PRO B 113 31.39 -3.90 -9.04
N MET B 114 30.96 -4.60 -10.10
CA MET B 114 30.65 -3.97 -11.38
C MET B 114 30.30 -2.49 -11.37
N ASN B 115 29.57 -2.02 -10.36
CA ASN B 115 29.25 -0.59 -10.32
C ASN B 115 30.36 0.18 -9.59
N GLY B 116 31.58 -0.35 -9.68
CA GLY B 116 32.75 0.26 -9.09
C GLY B 116 32.87 0.37 -7.57
N VAL B 117 32.79 -0.75 -6.85
CA VAL B 117 32.89 -0.71 -5.40
C VAL B 117 33.65 -1.90 -4.84
N GLY B 118 34.96 -1.87 -4.97
CA GLY B 118 35.78 -2.96 -4.46
C GLY B 118 35.86 -2.88 -2.95
N PRO B 119 36.57 -3.83 -2.32
CA PRO B 119 36.71 -3.83 -0.86
C PRO B 119 37.46 -2.61 -0.33
N ASP B 120 38.29 -2.00 -1.17
CA ASP B 120 39.05 -0.84 -0.74
C ASP B 120 38.19 0.38 -0.37
N LYS B 121 36.89 0.31 -0.65
CA LYS B 121 35.99 1.42 -0.33
C LYS B 121 35.18 1.12 0.94
N LEU B 122 35.39 -0.07 1.48
CA LEU B 122 34.73 -0.50 2.71
C LEU B 122 35.79 -0.57 3.80
N HIS B 123 35.39 -0.92 5.01
CA HIS B 123 36.34 -1.01 6.12
C HIS B 123 36.74 -2.43 6.47
N ILE B 124 37.12 -3.21 5.46
CA ILE B 124 37.51 -4.59 5.66
C ILE B 124 38.96 -4.69 6.13
N LYS B 125 39.81 -3.83 5.56
CA LYS B 125 41.22 -3.80 5.89
C LYS B 125 41.48 -3.74 7.40
N PRO B 126 40.88 -2.76 8.10
CA PRO B 126 41.07 -2.61 9.54
C PRO B 126 40.37 -3.64 10.41
N LEU B 127 39.85 -4.69 9.77
CA LEU B 127 39.18 -5.77 10.48
C LEU B 127 40.20 -6.86 10.73
N LEU B 128 40.97 -7.20 9.71
CA LEU B 128 41.98 -8.26 9.79
C LEU B 128 42.72 -8.34 11.11
N PRO B 129 43.52 -7.32 11.45
CA PRO B 129 44.24 -7.42 12.73
C PRO B 129 43.39 -7.79 13.94
N ARG B 130 42.11 -7.42 13.93
CA ARG B 130 41.23 -7.75 15.07
C ARG B 130 41.02 -9.25 15.27
N VAL B 131 40.85 -9.98 14.16
CA VAL B 131 40.62 -11.41 14.20
C VAL B 131 41.84 -12.23 14.59
N GLY B 132 41.61 -13.24 15.42
CA GLY B 132 42.71 -14.08 15.86
C GLY B 132 42.24 -15.44 16.31
N GLN B 133 43.18 -16.37 16.49
CA GLN B 133 42.83 -17.70 16.94
C GLN B 133 42.09 -17.58 18.25
N GLY B 134 41.04 -18.37 18.42
CA GLY B 134 40.27 -18.32 19.66
C GLY B 134 39.05 -17.43 19.59
N MET B 135 38.84 -16.82 18.42
CA MET B 135 37.69 -15.95 18.22
C MET B 135 36.74 -16.50 17.17
N GLU B 136 35.64 -15.80 16.97
CA GLU B 136 34.66 -16.17 15.98
C GLU B 136 34.24 -14.92 15.24
N VAL B 137 34.21 -15.01 13.92
CA VAL B 137 33.79 -13.90 13.09
C VAL B 137 32.41 -14.28 12.59
N ILE B 138 31.43 -13.45 12.95
CA ILE B 138 30.04 -13.65 12.56
C ILE B 138 29.72 -12.67 11.45
N LEU B 139 29.64 -13.17 10.22
CA LEU B 139 29.34 -12.32 9.07
C LEU B 139 27.86 -12.03 9.05
N ALA B 140 27.53 -10.81 9.46
CA ALA B 140 26.16 -10.35 9.56
C ALA B 140 25.67 -9.42 8.46
N THR B 141 26.15 -9.63 7.23
CA THR B 141 25.70 -8.81 6.12
C THR B 141 24.28 -9.27 5.71
N GLY B 142 23.55 -8.41 5.01
CA GLY B 142 22.21 -8.75 4.57
C GLY B 142 22.13 -9.98 3.70
N THR B 143 21.05 -10.15 2.96
CA THR B 143 20.90 -11.31 2.11
C THR B 143 20.52 -10.90 0.72
N THR B 144 20.92 -9.68 0.37
CA THR B 144 20.70 -9.18 -0.97
C THR B 144 21.72 -9.95 -1.78
N VAL B 145 21.80 -9.71 -3.08
CA VAL B 145 22.78 -10.45 -3.88
C VAL B 145 24.18 -10.14 -3.36
N GLU B 146 24.49 -8.85 -3.26
CA GLU B 146 25.79 -8.39 -2.79
C GLU B 146 25.95 -8.64 -1.30
N GLY B 147 24.83 -8.77 -0.59
CA GLY B 147 24.89 -9.03 0.84
C GLY B 147 25.60 -10.35 1.04
N ASP B 148 25.12 -11.37 0.33
CA ASP B 148 25.70 -12.69 0.42
C ASP B 148 27.11 -12.66 -0.20
N ALA B 149 27.24 -11.88 -1.27
CA ALA B 149 28.51 -11.71 -1.99
C ALA B 149 29.61 -11.22 -1.05
N THR B 150 29.38 -10.06 -0.42
CA THR B 150 30.34 -9.49 0.52
C THR B 150 30.76 -10.50 1.60
N ALA B 151 29.78 -11.25 2.07
CA ALA B 151 30.00 -12.26 3.09
C ALA B 151 30.97 -13.30 2.56
N LEU B 152 30.63 -13.87 1.40
CA LEU B 152 31.48 -14.87 0.79
C LEU B 152 32.90 -14.36 0.55
N TYR B 153 33.05 -13.04 0.40
CA TYR B 153 34.39 -12.45 0.21
C TYR B 153 35.09 -12.47 1.55
N LEU B 154 34.46 -11.85 2.54
CA LEU B 154 35.02 -11.79 3.87
C LEU B 154 35.43 -13.17 4.38
N GLN B 155 34.61 -14.18 4.06
CA GLN B 155 34.90 -15.54 4.50
C GLN B 155 36.22 -15.97 3.93
N ARG B 156 36.29 -16.07 2.61
CA ARG B 156 37.51 -16.46 1.91
C ARG B 156 38.70 -15.65 2.44
N LEU B 157 38.46 -14.39 2.73
CA LEU B 157 39.49 -13.49 3.20
C LEU B 157 39.94 -13.77 4.64
N LEU B 158 39.00 -14.18 5.49
CA LEU B 158 39.37 -14.43 6.89
C LEU B 158 39.87 -15.85 7.15
N GLU B 159 39.34 -16.81 6.40
CA GLU B 159 39.72 -18.22 6.50
C GLU B 159 41.14 -18.38 7.08
N PRO B 160 42.13 -17.76 6.43
CA PRO B 160 43.52 -17.85 6.88
C PRO B 160 43.80 -17.44 8.33
N LEU B 161 43.19 -16.34 8.78
CA LEU B 161 43.41 -15.89 10.15
C LEU B 161 43.02 -17.03 11.12
N GLY B 162 43.27 -16.84 12.41
CA GLY B 162 42.97 -17.91 13.36
C GLY B 162 41.59 -18.07 13.98
N ALA B 163 40.58 -17.39 13.42
CA ALA B 163 39.22 -17.45 13.96
C ALA B 163 38.21 -18.23 13.13
N ALA B 164 37.15 -18.71 13.79
CA ALA B 164 36.07 -19.44 13.13
C ALA B 164 35.13 -18.40 12.50
N ILE B 165 34.48 -18.81 11.42
CA ILE B 165 33.59 -17.92 10.71
C ILE B 165 32.18 -18.51 10.66
N SER B 166 31.19 -17.63 10.79
CA SER B 166 29.81 -18.04 10.79
C SER B 166 28.99 -17.07 9.98
N ARG B 167 27.88 -17.55 9.45
CA ARG B 167 27.02 -16.68 8.69
C ARG B 167 25.66 -16.67 9.38
N ILE B 168 25.06 -15.49 9.42
CA ILE B 168 23.76 -15.29 10.02
C ILE B 168 22.82 -16.31 9.35
N ALA B 169 21.86 -16.83 10.09
CA ALA B 169 20.93 -17.83 9.59
C ALA B 169 19.94 -17.40 8.52
N TYR B 170 20.07 -17.99 7.33
CA TYR B 170 19.12 -17.71 6.24
C TYR B 170 17.91 -18.55 6.61
N GLY B 171 16.73 -17.95 6.66
CA GLY B 171 15.55 -18.72 7.03
C GLY B 171 14.20 -18.00 7.04
N VAL B 172 13.23 -18.67 7.64
CA VAL B 172 11.89 -18.12 7.72
C VAL B 172 11.81 -17.11 8.84
N PRO B 173 11.22 -15.93 8.59
CA PRO B 173 11.14 -14.94 9.66
C PRO B 173 10.14 -15.39 10.71
N VAL B 174 10.05 -14.62 11.79
CA VAL B 174 9.13 -14.93 12.86
C VAL B 174 7.77 -14.37 12.50
N GLY B 175 6.73 -15.16 12.75
CA GLY B 175 5.38 -14.71 12.46
C GLY B 175 4.94 -14.80 11.02
N GLY B 176 5.17 -15.94 10.40
CA GLY B 176 4.77 -16.10 9.02
C GLY B 176 4.40 -17.53 8.68
N SER B 177 3.68 -17.70 7.57
CA SER B 177 3.28 -19.02 7.09
C SER B 177 3.99 -19.29 5.78
N LEU B 178 4.45 -20.52 5.58
CA LEU B 178 5.15 -20.88 4.36
C LEU B 178 4.44 -20.47 3.07
N GLU B 179 3.11 -20.46 3.09
CA GLU B 179 2.33 -20.06 1.93
C GLU B 179 2.81 -18.67 1.47
N TYR B 180 2.99 -17.79 2.44
CA TYR B 180 3.45 -16.43 2.17
C TYR B 180 4.90 -16.33 2.57
N THR B 181 5.76 -17.00 1.80
CA THR B 181 7.18 -17.01 2.05
C THR B 181 7.92 -17.41 0.78
N ASP B 182 8.85 -16.54 0.37
CA ASP B 182 9.67 -16.68 -0.82
C ASP B 182 10.26 -18.07 -1.07
N GLU B 183 10.31 -18.43 -2.35
CA GLU B 183 10.85 -19.72 -2.81
C GLU B 183 12.16 -20.10 -2.16
N VAL B 184 13.21 -19.40 -2.57
CA VAL B 184 14.56 -19.66 -2.07
C VAL B 184 14.67 -19.61 -0.56
N THR B 185 13.90 -18.74 0.08
CA THR B 185 13.93 -18.64 1.54
C THR B 185 13.49 -19.98 2.10
N LEU B 186 12.36 -20.50 1.62
CA LEU B 186 11.85 -21.79 2.07
C LEU B 186 12.90 -22.87 1.84
N GLY B 187 13.54 -22.80 0.68
CA GLY B 187 14.59 -23.74 0.34
C GLY B 187 15.73 -23.72 1.33
N ARG B 188 16.30 -22.53 1.56
CA ARG B 188 17.40 -22.41 2.51
C ARG B 188 16.90 -22.67 3.91
N ALA B 189 15.60 -22.55 4.10
CA ALA B 189 15.00 -22.81 5.39
C ALA B 189 15.08 -24.30 5.65
N LEU B 190 14.73 -25.09 4.63
CA LEU B 190 14.75 -26.56 4.73
C LEU B 190 16.16 -27.13 4.84
N THR B 191 17.07 -26.59 4.04
CA THR B 191 18.45 -27.06 4.05
C THR B 191 19.15 -26.65 5.34
N GLY B 192 18.74 -25.52 5.88
CA GLY B 192 19.36 -25.04 7.11
C GLY B 192 18.57 -25.42 8.33
N ARG B 193 17.71 -26.44 8.21
CA ARG B 193 16.88 -26.90 9.31
C ARG B 193 17.74 -27.48 10.42
N GLN B 194 17.49 -27.04 11.65
CA GLN B 194 18.23 -27.51 12.81
C GLN B 194 17.49 -28.74 13.36
N THR B 195 18.18 -29.86 13.49
CA THR B 195 17.52 -31.03 14.03
C THR B 195 17.35 -30.68 15.50
N VAL B 196 16.31 -31.19 16.15
CA VAL B 196 16.03 -30.89 17.55
C VAL B 196 15.86 -32.12 18.42
N SER B 197 15.74 -33.28 17.80
CA SER B 197 15.57 -34.52 18.55
C SER B 197 16.22 -35.69 17.81
N LYS B 198 17.46 -36.01 18.20
CA LYS B 198 18.19 -37.11 17.60
C LYS B 198 17.65 -38.44 18.07
N PRO B 199 17.85 -39.50 17.27
CA PRO B 199 17.38 -40.84 17.60
C PRO B 199 18.54 -41.65 18.19
N LYS C 2 1.26 -29.40 -7.89
CA LYS C 2 -0.07 -29.80 -8.41
C LYS C 2 0.01 -30.78 -9.59
N TYR C 3 -0.94 -31.71 -9.64
CA TYR C 3 -0.98 -32.72 -10.68
C TYR C 3 -2.39 -33.07 -11.13
N PRO C 4 -3.33 -33.24 -10.18
CA PRO C 4 -4.70 -33.58 -10.58
C PRO C 4 -5.41 -32.56 -11.47
N PRO C 5 -5.76 -32.98 -12.70
CA PRO C 5 -6.44 -32.12 -13.68
C PRO C 5 -7.57 -31.28 -13.15
N SER C 6 -8.26 -31.78 -12.14
CA SER C 6 -9.37 -31.03 -11.56
C SER C 6 -8.86 -29.71 -10.99
N LEU C 7 -7.74 -29.79 -10.28
CA LEU C 7 -7.11 -28.65 -9.64
C LEU C 7 -6.52 -27.72 -10.70
N VAL C 8 -5.61 -28.27 -11.50
CA VAL C 8 -4.95 -27.51 -12.55
C VAL C 8 -5.92 -26.75 -13.44
N SER C 9 -7.03 -27.40 -13.81
CA SER C 9 -8.04 -26.79 -14.67
C SER C 9 -8.79 -25.68 -13.95
N LEU C 10 -9.09 -25.91 -12.68
CA LEU C 10 -9.80 -24.91 -11.88
C LEU C 10 -8.90 -23.69 -11.76
N ILE C 11 -7.62 -23.93 -11.48
CA ILE C 11 -6.64 -22.85 -11.37
C ILE C 11 -6.63 -22.09 -12.69
N ARG C 12 -6.42 -22.83 -13.77
CA ARG C 12 -6.36 -22.28 -15.11
C ARG C 12 -7.51 -21.30 -15.36
N GLU C 13 -8.72 -21.75 -15.05
CA GLU C 13 -9.90 -20.94 -15.28
C GLU C 13 -10.05 -19.75 -14.35
N LEU C 14 -9.35 -19.76 -13.23
CA LEU C 14 -9.42 -18.65 -12.30
C LEU C 14 -8.34 -17.66 -12.66
N SER C 15 -7.20 -18.18 -13.14
CA SER C 15 -6.07 -17.33 -13.54
C SER C 15 -6.56 -16.26 -14.50
N ARG C 16 -7.50 -16.65 -15.34
CA ARG C 16 -8.08 -15.78 -16.34
C ARG C 16 -8.69 -14.54 -15.71
N LEU C 17 -9.76 -14.72 -14.95
CA LEU C 17 -10.44 -13.63 -14.26
C LEU C 17 -9.42 -12.55 -13.85
N PRO C 18 -9.80 -11.26 -13.98
CA PRO C 18 -8.95 -10.13 -13.62
C PRO C 18 -8.85 -9.94 -12.12
N GLY C 19 -7.80 -9.25 -11.67
CA GLY C 19 -7.62 -9.05 -10.25
C GLY C 19 -7.20 -10.37 -9.62
N ILE C 20 -6.83 -11.32 -10.48
CA ILE C 20 -6.41 -12.65 -10.04
C ILE C 20 -5.35 -13.21 -10.96
N GLY C 21 -4.23 -13.63 -10.36
CA GLY C 21 -3.13 -14.19 -11.11
C GLY C 21 -2.91 -15.64 -10.70
N PRO C 22 -1.79 -16.24 -11.10
CA PRO C 22 -1.48 -17.64 -10.75
C PRO C 22 -1.64 -17.99 -9.28
N LYS C 23 -0.87 -17.31 -8.42
CA LYS C 23 -0.91 -17.56 -6.98
C LYS C 23 -2.26 -17.43 -6.33
N SER C 24 -3.02 -16.41 -6.72
CA SER C 24 -4.34 -16.22 -6.16
C SER C 24 -5.25 -17.37 -6.58
N ALA C 25 -5.19 -17.75 -7.85
CA ALA C 25 -6.01 -18.83 -8.37
C ALA C 25 -5.85 -20.09 -7.51
N GLN C 26 -4.60 -20.48 -7.27
CA GLN C 26 -4.29 -21.65 -6.43
C GLN C 26 -4.90 -21.43 -5.05
N ARG C 27 -4.56 -20.31 -4.42
CA ARG C 27 -5.11 -19.98 -3.10
C ARG C 27 -6.63 -20.19 -3.12
N LEU C 28 -7.27 -19.65 -4.15
CA LEU C 28 -8.71 -19.75 -4.32
C LEU C 28 -9.15 -21.20 -4.35
N ALA C 29 -8.55 -21.96 -5.25
CA ALA C 29 -8.86 -23.38 -5.40
C ALA C 29 -8.84 -24.12 -4.08
N PHE C 30 -7.72 -24.01 -3.36
CA PHE C 30 -7.60 -24.68 -2.08
C PHE C 30 -8.64 -24.18 -1.07
N HIS C 31 -9.10 -22.94 -1.25
CA HIS C 31 -10.11 -22.39 -0.36
C HIS C 31 -11.43 -23.07 -0.73
N LEU C 32 -11.67 -23.21 -2.03
CA LEU C 32 -12.89 -23.85 -2.49
C LEU C 32 -12.93 -25.32 -2.08
N PHE C 33 -11.76 -25.93 -1.98
CA PHE C 33 -11.65 -27.33 -1.57
C PHE C 33 -12.28 -27.60 -0.20
N GLU C 34 -12.20 -26.64 0.72
CA GLU C 34 -12.76 -26.86 2.03
C GLU C 34 -14.18 -26.34 2.19
N GLN C 35 -14.78 -25.91 1.08
CA GLN C 35 -16.15 -25.42 1.14
C GLN C 35 -17.12 -26.56 0.93
N PRO C 36 -18.32 -26.46 1.52
CA PRO C 36 -19.24 -27.58 1.29
C PRO C 36 -19.77 -27.53 -0.15
N ARG C 37 -20.02 -28.69 -0.74
CA ARG C 37 -20.52 -28.77 -2.10
C ARG C 37 -21.51 -27.66 -2.48
N GLU C 38 -22.49 -27.43 -1.61
CA GLU C 38 -23.52 -26.43 -1.84
C GLU C 38 -22.90 -25.10 -2.23
N ASP C 39 -21.93 -24.66 -1.45
CA ASP C 39 -21.25 -23.41 -1.75
C ASP C 39 -20.76 -23.42 -3.20
N ILE C 40 -20.14 -24.52 -3.61
CA ILE C 40 -19.63 -24.65 -4.97
C ILE C 40 -20.76 -24.63 -5.99
N GLU C 41 -21.78 -25.45 -5.76
CA GLU C 41 -22.91 -25.50 -6.67
C GLU C 41 -23.54 -24.11 -6.84
N ARG C 42 -23.65 -23.38 -5.74
CA ARG C 42 -24.26 -22.06 -5.77
C ARG C 42 -23.41 -21.07 -6.57
N LEU C 43 -22.10 -21.28 -6.57
CA LEU C 43 -21.21 -20.40 -7.31
C LEU C 43 -21.28 -20.75 -8.80
N ALA C 44 -21.35 -22.04 -9.10
CA ALA C 44 -21.40 -22.50 -10.49
C ALA C 44 -22.68 -22.07 -11.19
N SER C 45 -23.80 -22.20 -10.49
CA SER C 45 -25.09 -21.82 -11.03
C SER C 45 -25.18 -20.30 -11.21
N ALA C 46 -24.76 -19.54 -10.20
CA ALA C 46 -24.81 -18.08 -10.27
C ALA C 46 -24.08 -17.60 -11.51
N LEU C 47 -23.00 -18.28 -11.87
CA LEU C 47 -22.26 -17.91 -13.05
C LEU C 47 -23.17 -18.17 -14.25
N LEU C 48 -23.58 -19.43 -14.40
CA LEU C 48 -24.42 -19.85 -15.52
C LEU C 48 -25.73 -19.08 -15.64
N GLU C 49 -26.37 -18.82 -14.50
CA GLU C 49 -27.61 -18.07 -14.45
C GLU C 49 -27.38 -16.62 -14.81
N ALA C 50 -26.16 -16.14 -14.57
CA ALA C 50 -25.83 -14.77 -14.88
C ALA C 50 -25.66 -14.66 -16.39
N LYS C 51 -24.96 -15.64 -16.95
CA LYS C 51 -24.73 -15.69 -18.38
C LYS C 51 -26.06 -15.85 -19.12
N ARG C 52 -26.84 -16.88 -18.74
CA ARG C 52 -28.12 -17.17 -19.38
C ARG C 52 -29.15 -16.03 -19.30
N ASP C 53 -29.09 -15.24 -18.24
CA ASP C 53 -30.05 -14.16 -18.00
C ASP C 53 -29.68 -12.71 -18.29
N LEU C 54 -28.46 -12.30 -17.97
CA LEU C 54 -28.11 -10.90 -18.21
C LEU C 54 -27.92 -10.67 -19.69
N HIS C 55 -28.39 -9.52 -20.15
CA HIS C 55 -28.24 -9.14 -21.54
C HIS C 55 -28.34 -7.63 -21.55
N VAL C 56 -27.98 -7.04 -22.68
CA VAL C 56 -28.01 -5.62 -22.82
C VAL C 56 -29.43 -5.07 -23.00
N CYS C 57 -29.73 -3.91 -22.42
CA CYS C 57 -31.05 -3.29 -22.57
C CYS C 57 -31.14 -2.83 -24.01
N PRO C 58 -32.16 -3.27 -24.75
CA PRO C 58 -32.29 -2.86 -26.15
C PRO C 58 -32.29 -1.36 -26.36
N ILE C 59 -32.89 -0.61 -25.43
CA ILE C 59 -32.97 0.85 -25.51
C ILE C 59 -31.74 1.61 -25.04
N CYS C 60 -31.19 1.21 -23.90
CA CYS C 60 -30.03 1.88 -23.30
C CYS C 60 -28.78 1.05 -23.12
N PHE C 61 -28.86 -0.23 -23.46
CA PHE C 61 -27.72 -1.11 -23.35
C PHE C 61 -27.16 -1.31 -21.94
N ASN C 62 -28.00 -1.07 -20.94
CA ASN C 62 -27.59 -1.30 -19.57
C ASN C 62 -27.89 -2.78 -19.36
N ILE C 63 -27.08 -3.45 -18.57
CA ILE C 63 -27.27 -4.86 -18.31
C ILE C 63 -28.53 -5.13 -17.49
N THR C 64 -29.36 -6.06 -17.96
CA THR C 64 -30.60 -6.41 -17.27
C THR C 64 -30.98 -7.84 -17.56
N ASP C 65 -32.09 -8.24 -16.95
CA ASP C 65 -32.66 -9.58 -17.13
C ASP C 65 -34.06 -9.47 -17.72
N ALA C 66 -34.57 -8.25 -17.83
CA ALA C 66 -35.90 -8.03 -18.38
C ALA C 66 -35.86 -7.53 -19.82
N GLU C 67 -37.02 -7.51 -20.46
CA GLU C 67 -37.13 -7.05 -21.82
C GLU C 67 -36.62 -5.61 -21.88
N LYS C 68 -36.83 -4.87 -20.80
CA LYS C 68 -36.38 -3.49 -20.67
C LYS C 68 -35.72 -3.36 -19.30
N CYS C 69 -34.72 -2.50 -19.18
CA CYS C 69 -34.07 -2.33 -17.88
C CYS C 69 -35.01 -1.64 -16.93
N ASP C 70 -34.74 -1.78 -15.64
CA ASP C 70 -35.56 -1.16 -14.62
C ASP C 70 -35.71 0.33 -14.85
N VAL C 71 -34.61 0.99 -15.22
CA VAL C 71 -34.66 2.43 -15.46
C VAL C 71 -35.57 2.75 -16.64
N CYS C 72 -35.46 1.94 -17.69
CA CYS C 72 -36.24 2.15 -18.90
C CYS C 72 -37.71 1.83 -18.77
N ALA C 73 -38.06 0.82 -17.97
CA ALA C 73 -39.46 0.45 -17.79
C ALA C 73 -40.17 1.30 -16.75
N ASP C 74 -39.42 2.18 -16.10
CA ASP C 74 -39.99 3.04 -15.07
C ASP C 74 -40.59 4.32 -15.68
N PRO C 75 -41.91 4.49 -15.56
CA PRO C 75 -42.64 5.66 -16.07
C PRO C 75 -42.54 6.91 -15.19
N SER C 76 -41.96 6.77 -14.00
CA SER C 76 -41.82 7.92 -13.12
C SER C 76 -40.49 8.60 -13.37
N ARG C 77 -39.70 7.99 -14.25
CA ARG C 77 -38.38 8.51 -14.62
C ARG C 77 -38.54 9.72 -15.54
N ASP C 78 -37.51 10.55 -15.61
CA ASP C 78 -37.52 11.73 -16.46
C ASP C 78 -37.07 11.39 -17.89
N GLN C 79 -38.05 11.22 -18.78
CA GLN C 79 -37.80 10.88 -20.18
C GLN C 79 -37.02 11.95 -20.95
N ARG C 80 -36.94 13.16 -20.42
CA ARG C 80 -36.26 14.22 -21.17
C ARG C 80 -34.76 14.40 -20.94
N THR C 81 -34.13 13.46 -20.24
CA THR C 81 -32.70 13.54 -19.99
C THR C 81 -32.01 12.19 -20.05
N ILE C 82 -30.92 12.15 -20.79
CA ILE C 82 -30.14 10.94 -20.91
C ILE C 82 -28.71 11.21 -20.46
N CYS C 83 -28.25 10.40 -19.53
CA CYS C 83 -26.92 10.52 -18.97
C CYS C 83 -26.06 9.43 -19.58
N VAL C 84 -25.31 9.78 -20.60
CA VAL C 84 -24.46 8.83 -21.29
C VAL C 84 -23.28 8.46 -20.43
N VAL C 85 -23.06 7.16 -20.26
CA VAL C 85 -21.95 6.69 -19.45
C VAL C 85 -21.06 5.68 -20.17
N GLU C 86 -19.86 5.46 -19.62
CA GLU C 86 -18.89 4.55 -20.22
C GLU C 86 -19.13 3.09 -19.88
N GLU C 87 -19.46 2.80 -18.64
CA GLU C 87 -19.67 1.42 -18.25
C GLU C 87 -20.95 1.24 -17.47
N PRO C 88 -21.50 0.01 -17.48
CA PRO C 88 -22.73 -0.34 -16.78
C PRO C 88 -22.58 -0.11 -15.27
N GLY C 89 -21.32 -0.21 -14.82
CA GLY C 89 -21.02 -0.01 -13.41
C GLY C 89 -21.24 1.43 -12.96
N ASP C 90 -21.36 2.36 -13.90
CA ASP C 90 -21.55 3.75 -13.54
C ASP C 90 -23.01 4.05 -13.29
N VAL C 91 -23.88 3.26 -13.90
CA VAL C 91 -25.33 3.44 -13.74
C VAL C 91 -25.63 3.07 -12.27
N ILE C 92 -24.91 2.06 -11.78
CA ILE C 92 -25.05 1.62 -10.40
C ILE C 92 -24.62 2.76 -9.50
N ALA C 93 -23.48 3.37 -9.87
CA ALA C 93 -22.85 4.45 -9.12
C ALA C 93 -23.65 5.73 -9.10
N LEU C 94 -24.28 6.07 -10.22
CA LEU C 94 -25.08 7.28 -10.23
C LEU C 94 -26.42 6.98 -9.59
N GLU C 95 -26.79 5.70 -9.51
CA GLU C 95 -28.07 5.30 -8.90
C GLU C 95 -27.96 5.22 -7.38
N ARG C 96 -26.82 4.76 -6.88
CA ARG C 96 -26.63 4.69 -5.44
C ARG C 96 -26.73 6.11 -4.92
N SER C 97 -26.58 7.06 -5.83
CA SER C 97 -26.64 8.46 -5.47
C SER C 97 -28.08 8.89 -5.26
N GLY C 98 -29.01 8.17 -5.87
CA GLY C 98 -30.43 8.49 -5.73
C GLY C 98 -30.68 9.96 -6.02
N GLU C 99 -29.68 10.63 -6.57
CA GLU C 99 -29.77 12.04 -6.89
C GLU C 99 -30.18 12.25 -8.35
N TYR C 100 -30.31 11.17 -9.09
CA TYR C 100 -30.68 11.25 -10.51
C TYR C 100 -31.88 10.38 -10.83
N ARG C 101 -32.89 10.94 -11.48
CA ARG C 101 -34.05 10.15 -11.80
C ARG C 101 -34.31 10.08 -13.31
N GLY C 102 -33.35 10.54 -14.08
CA GLY C 102 -33.50 10.53 -15.53
C GLY C 102 -33.19 9.18 -16.13
N LEU C 103 -32.76 9.17 -17.39
CA LEU C 103 -32.43 7.91 -18.06
C LEU C 103 -30.95 7.90 -18.34
N TYR C 104 -30.40 6.72 -18.56
CA TYR C 104 -28.98 6.58 -18.86
C TYR C 104 -28.76 6.14 -20.29
N HIS C 105 -27.62 5.52 -20.54
CA HIS C 105 -27.24 4.99 -21.83
C HIS C 105 -25.80 4.57 -21.68
N VAL C 106 -25.55 3.27 -21.83
CA VAL C 106 -24.20 2.76 -21.67
C VAL C 106 -23.45 2.54 -22.98
N LEU C 107 -22.32 3.21 -23.12
CA LEU C 107 -21.46 2.99 -24.28
C LEU C 107 -20.74 1.81 -23.65
N HIS C 108 -20.44 0.74 -24.34
CA HIS C 108 -19.70 -0.27 -23.59
C HIS C 108 -18.23 -0.10 -23.88
N GLY C 109 -17.72 1.07 -23.51
CA GLY C 109 -16.33 1.36 -23.74
C GLY C 109 -16.05 2.85 -23.76
N VAL C 110 -14.89 3.21 -24.30
CA VAL C 110 -14.46 4.60 -24.37
C VAL C 110 -13.44 4.75 -25.48
N LEU C 111 -13.43 5.93 -26.12
CA LEU C 111 -12.47 6.18 -27.19
C LEU C 111 -11.06 6.04 -26.64
N SER C 112 -10.23 5.29 -27.36
CA SER C 112 -8.86 5.08 -26.96
C SER C 112 -8.02 5.05 -28.23
N PRO C 113 -7.60 6.24 -28.71
CA PRO C 113 -6.81 6.29 -29.94
C PRO C 113 -5.53 5.49 -29.80
N MET C 114 -4.74 5.79 -28.77
CA MET C 114 -3.49 5.10 -28.55
C MET C 114 -3.60 3.57 -28.56
N ASN C 115 -4.74 3.07 -28.06
CA ASN C 115 -4.93 1.63 -28.05
C ASN C 115 -5.74 1.17 -29.25
N GLY C 116 -5.68 1.97 -30.30
CA GLY C 116 -6.37 1.67 -31.55
C GLY C 116 -7.89 1.75 -31.52
N VAL C 117 -8.45 2.33 -30.47
CA VAL C 117 -9.91 2.44 -30.35
C VAL C 117 -10.48 3.77 -30.79
N GLY C 118 -11.17 3.74 -31.93
CA GLY C 118 -11.81 4.92 -32.46
C GLY C 118 -13.30 4.74 -32.24
N PRO C 119 -14.15 5.55 -32.89
CA PRO C 119 -15.60 5.39 -32.70
C PRO C 119 -16.15 4.11 -33.30
N ASP C 120 -15.41 3.54 -34.24
CA ASP C 120 -15.81 2.31 -34.91
C ASP C 120 -16.22 1.27 -33.86
N LYS C 121 -15.39 1.13 -32.82
CA LYS C 121 -15.67 0.18 -31.75
C LYS C 121 -16.64 0.72 -30.71
N LEU C 122 -17.13 1.94 -30.92
CA LEU C 122 -18.10 2.51 -29.99
C LEU C 122 -19.49 2.14 -30.47
N HIS C 123 -20.45 2.11 -29.54
CA HIS C 123 -21.79 1.77 -29.93
C HIS C 123 -22.76 2.89 -29.63
N ILE C 124 -22.95 3.77 -30.60
CA ILE C 124 -23.87 4.90 -30.44
C ILE C 124 -25.15 4.73 -31.26
N LYS C 125 -25.12 3.83 -32.24
CA LYS C 125 -26.29 3.58 -33.09
C LYS C 125 -27.56 3.79 -32.26
N PRO C 126 -27.73 3.03 -31.17
CA PRO C 126 -28.90 3.12 -30.29
C PRO C 126 -29.15 4.43 -29.55
N LEU C 127 -28.11 5.24 -29.36
CA LEU C 127 -28.23 6.53 -28.67
C LEU C 127 -28.95 7.53 -29.56
N LEU C 128 -28.32 7.85 -30.69
CA LEU C 128 -28.82 8.83 -31.66
C LEU C 128 -30.34 8.96 -31.77
N PRO C 129 -31.05 7.86 -32.04
CA PRO C 129 -32.51 7.89 -32.17
C PRO C 129 -33.24 8.01 -30.83
N ARG C 130 -32.73 8.84 -29.94
CA ARG C 130 -33.35 9.02 -28.63
C ARG C 130 -33.20 10.47 -28.26
N VAL C 131 -32.36 11.16 -29.02
CA VAL C 131 -32.08 12.56 -28.77
C VAL C 131 -32.72 13.44 -29.84
N GLY C 132 -33.82 14.09 -29.47
CA GLY C 132 -34.50 14.96 -30.40
C GLY C 132 -34.37 16.41 -29.94
N GLN C 133 -35.50 17.02 -29.63
CA GLN C 133 -35.50 18.40 -29.17
C GLN C 133 -36.16 18.50 -27.79
N GLY C 134 -35.78 19.52 -27.03
CA GLY C 134 -36.34 19.70 -25.71
C GLY C 134 -35.78 18.66 -24.77
N MET C 135 -34.66 18.06 -25.17
CA MET C 135 -34.00 17.04 -24.37
C MET C 135 -32.58 17.41 -23.98
N GLU C 136 -32.14 16.83 -22.88
CA GLU C 136 -30.79 17.06 -22.38
C GLU C 136 -30.00 15.76 -22.30
N VAL C 137 -28.80 15.79 -22.86
CA VAL C 137 -27.93 14.64 -22.80
C VAL C 137 -26.79 15.01 -21.87
N ILE C 138 -26.53 14.15 -20.90
CA ILE C 138 -25.46 14.39 -19.94
C ILE C 138 -24.31 13.44 -20.21
N LEU C 139 -23.16 13.99 -20.54
CA LEU C 139 -21.98 13.18 -20.80
C LEU C 139 -21.32 12.86 -19.45
N ALA C 140 -21.59 11.68 -18.90
CA ALA C 140 -21.05 11.24 -17.62
C ALA C 140 -19.94 10.26 -17.92
N THR C 141 -19.22 10.61 -18.96
CA THR C 141 -18.12 9.82 -19.44
C THR C 141 -17.02 10.12 -18.41
N GLY C 142 -16.02 9.25 -18.30
CA GLY C 142 -14.95 9.50 -17.34
C GLY C 142 -14.27 10.82 -17.63
N THR C 143 -13.43 11.32 -16.73
CA THR C 143 -12.76 12.59 -16.97
C THR C 143 -11.29 12.43 -17.28
N THR C 144 -10.96 11.40 -18.04
CA THR C 144 -9.59 11.16 -18.45
C THR C 144 -9.40 11.82 -19.81
N VAL C 145 -8.22 11.69 -20.38
CA VAL C 145 -7.93 12.29 -21.68
C VAL C 145 -8.82 11.65 -22.73
N GLU C 146 -9.21 10.42 -22.43
CA GLU C 146 -10.06 9.63 -23.30
C GLU C 146 -11.52 9.98 -23.06
N GLY C 147 -11.90 10.02 -21.78
CA GLY C 147 -13.28 10.34 -21.45
C GLY C 147 -13.67 11.68 -22.04
N ASP C 148 -12.87 12.69 -21.75
CA ASP C 148 -13.11 14.03 -22.27
C ASP C 148 -13.19 13.95 -23.79
N ALA C 149 -12.43 13.05 -24.39
CA ALA C 149 -12.47 12.88 -25.82
C ALA C 149 -13.85 12.33 -26.15
N THR C 150 -14.14 11.15 -25.61
CA THR C 150 -15.43 10.52 -25.86
C THR C 150 -16.58 11.52 -25.77
N ALA C 151 -16.50 12.42 -24.80
CA ALA C 151 -17.53 13.43 -24.66
C ALA C 151 -17.50 14.35 -25.89
N LEU C 152 -16.31 14.85 -26.23
CA LEU C 152 -16.15 15.74 -27.37
C LEU C 152 -16.77 15.09 -28.59
N TYR C 153 -16.40 13.84 -28.83
CA TYR C 153 -16.94 13.10 -29.96
C TYR C 153 -18.46 13.17 -29.90
N LEU C 154 -19.02 12.78 -28.76
CA LEU C 154 -20.47 12.79 -28.57
C LEU C 154 -21.09 14.17 -28.76
N GLN C 155 -20.44 15.20 -28.25
CA GLN C 155 -20.97 16.55 -28.40
C GLN C 155 -21.22 16.83 -29.88
N ARG C 156 -20.15 16.84 -30.68
CA ARG C 156 -20.23 17.08 -32.11
C ARG C 156 -21.23 16.15 -32.79
N LEU C 157 -21.39 14.95 -32.22
CA LEU C 157 -22.31 13.97 -32.78
C LEU C 157 -23.77 14.23 -32.40
N LEU C 158 -24.01 14.45 -31.12
CA LEU C 158 -25.36 14.67 -30.62
C LEU C 158 -25.93 16.08 -30.77
N GLU C 159 -25.05 17.08 -30.90
CA GLU C 159 -25.48 18.46 -31.01
C GLU C 159 -26.41 18.82 -32.17
N PRO C 160 -26.22 18.20 -33.36
CA PRO C 160 -27.06 18.48 -34.53
C PRO C 160 -28.52 18.20 -34.27
N LEU C 161 -28.79 17.33 -33.30
CA LEU C 161 -30.16 17.04 -32.94
C LEU C 161 -30.50 18.18 -31.99
N GLY C 162 -31.78 18.47 -31.79
CA GLY C 162 -32.14 19.58 -30.93
C GLY C 162 -31.85 19.38 -29.45
N ALA C 163 -30.73 18.74 -29.14
CA ALA C 163 -30.38 18.47 -27.74
C ALA C 163 -29.47 19.48 -27.08
N ALA C 164 -29.61 19.56 -25.77
CA ALA C 164 -28.77 20.42 -24.96
C ALA C 164 -27.83 19.43 -24.29
N ILE C 165 -26.54 19.57 -24.55
CA ILE C 165 -25.56 18.68 -23.99
C ILE C 165 -24.88 19.28 -22.78
N SER C 166 -24.82 18.49 -21.70
CA SER C 166 -24.18 18.93 -20.47
C SER C 166 -23.07 17.94 -20.12
N ARG C 167 -22.24 18.29 -19.15
CA ARG C 167 -21.16 17.41 -18.73
C ARG C 167 -21.16 17.36 -17.20
N ILE C 168 -20.73 16.23 -16.65
CA ILE C 168 -20.69 16.11 -15.19
C ILE C 168 -19.67 17.14 -14.76
N ALA C 169 -19.92 17.78 -13.62
CA ALA C 169 -19.01 18.81 -13.15
C ALA C 169 -17.68 18.28 -12.64
N TYR C 170 -16.59 18.87 -13.13
CA TYR C 170 -15.29 18.48 -12.63
C TYR C 170 -15.26 19.32 -11.38
N GLY C 171 -14.78 18.74 -10.28
CA GLY C 171 -14.72 19.50 -9.06
C GLY C 171 -13.98 18.71 -8.02
N VAL C 172 -14.09 19.13 -6.77
CA VAL C 172 -13.42 18.41 -5.70
C VAL C 172 -14.43 17.37 -5.20
N PRO C 173 -13.95 16.15 -4.92
CA PRO C 173 -14.79 15.06 -4.43
C PRO C 173 -15.03 15.12 -2.93
N VAL C 174 -16.19 14.61 -2.53
CA VAL C 174 -16.59 14.55 -1.13
C VAL C 174 -15.45 14.06 -0.23
N GLY C 175 -15.29 14.71 0.92
CA GLY C 175 -14.24 14.33 1.84
C GLY C 175 -12.87 14.73 1.34
N GLY C 176 -12.85 15.54 0.28
CA GLY C 176 -11.60 15.98 -0.30
C GLY C 176 -10.96 17.16 0.42
N SER C 177 -9.63 17.15 0.47
CA SER C 177 -8.88 18.22 1.11
C SER C 177 -7.95 18.86 0.09
N LEU C 178 -8.41 19.96 -0.50
CA LEU C 178 -7.70 20.70 -1.53
C LEU C 178 -6.23 20.37 -1.72
N GLU C 179 -5.42 20.67 -0.70
CA GLU C 179 -3.98 20.42 -0.75
C GLU C 179 -3.68 19.08 -1.43
N TYR C 180 -4.53 18.10 -1.15
CA TYR C 180 -4.39 16.76 -1.74
C TYR C 180 -5.30 16.63 -2.95
N THR C 181 -5.26 17.62 -3.83
CA THR C 181 -6.09 17.61 -5.04
C THR C 181 -5.39 18.32 -6.18
N ASP C 182 -5.05 17.57 -7.21
CA ASP C 182 -4.37 18.10 -8.38
C ASP C 182 -4.87 19.50 -8.67
N GLU C 183 -3.96 20.36 -9.10
CA GLU C 183 -4.31 21.73 -9.40
C GLU C 183 -5.44 21.85 -10.40
N VAL C 184 -5.20 21.37 -11.62
CA VAL C 184 -6.19 21.43 -12.71
C VAL C 184 -7.62 21.28 -12.23
N THR C 185 -7.83 20.33 -11.33
CA THR C 185 -9.15 20.06 -10.77
C THR C 185 -9.61 21.25 -9.92
N LEU C 186 -8.74 21.68 -8.99
CA LEU C 186 -9.07 22.82 -8.13
C LEU C 186 -9.36 24.03 -8.99
N GLY C 187 -8.66 24.14 -10.12
CA GLY C 187 -8.90 25.25 -11.03
C GLY C 187 -10.33 25.22 -11.54
N ARG C 188 -10.83 24.00 -11.77
CA ARG C 188 -12.20 23.78 -12.24
C ARG C 188 -13.19 24.00 -11.11
N ALA C 189 -12.86 23.49 -9.92
CA ALA C 189 -13.72 23.63 -8.75
C ALA C 189 -14.00 25.10 -8.50
N LEU C 190 -13.13 25.97 -8.99
CA LEU C 190 -13.31 27.40 -8.85
C LEU C 190 -14.18 27.92 -9.99
N THR C 191 -13.73 27.71 -11.22
CA THR C 191 -14.48 28.14 -12.40
C THR C 191 -15.95 27.78 -12.27
N GLY C 192 -16.22 26.57 -11.78
CA GLY C 192 -17.59 26.12 -11.63
C GLY C 192 -18.21 26.21 -10.24
N ARG C 193 -17.64 27.02 -9.35
CA ARG C 193 -18.21 27.13 -8.02
C ARG C 193 -19.68 27.52 -8.17
N GLN C 194 -20.40 27.66 -7.07
CA GLN C 194 -21.80 28.02 -7.15
C GLN C 194 -22.21 29.01 -6.07
N THR C 195 -23.07 29.95 -6.43
CA THR C 195 -23.54 30.94 -5.47
C THR C 195 -24.43 30.23 -4.47
N VAL C 196 -24.09 30.37 -3.19
CA VAL C 196 -24.88 29.73 -2.15
C VAL C 196 -25.63 30.79 -1.36
N SER C 197 -25.45 32.05 -1.75
CA SER C 197 -26.09 33.17 -1.08
C SER C 197 -27.07 33.94 -1.98
N LYS D 2 22.71 2.87 20.81
CA LYS D 2 22.82 4.35 20.69
C LYS D 2 23.21 5.01 22.03
N TYR D 3 24.48 5.33 22.18
CA TYR D 3 24.95 5.95 23.41
C TYR D 3 25.34 7.42 23.26
N PRO D 4 26.06 7.77 22.18
CA PRO D 4 26.40 9.19 22.06
C PRO D 4 25.17 10.09 22.20
N PRO D 5 25.11 10.87 23.29
CA PRO D 5 23.99 11.78 23.57
C PRO D 5 23.56 12.67 22.40
N SER D 6 24.52 13.07 21.58
CA SER D 6 24.23 13.92 20.44
C SER D 6 23.43 13.11 19.44
N LEU D 7 23.88 11.90 19.16
CA LEU D 7 23.19 11.04 18.20
C LEU D 7 21.76 10.90 18.72
N VAL D 8 21.65 10.64 20.02
CA VAL D 8 20.37 10.46 20.69
C VAL D 8 19.46 11.66 20.48
N SER D 9 19.99 12.85 20.72
CA SER D 9 19.22 14.09 20.55
C SER D 9 18.65 14.23 19.14
N LEU D 10 19.49 14.04 18.13
CA LEU D 10 19.03 14.15 16.75
C LEU D 10 17.82 13.27 16.60
N ILE D 11 17.94 12.03 17.07
CA ILE D 11 16.85 11.05 17.00
C ILE D 11 15.59 11.66 17.60
N ARG D 12 15.66 12.04 18.88
CA ARG D 12 14.55 12.63 19.60
C ARG D 12 13.98 13.89 18.95
N GLU D 13 14.87 14.74 18.44
CA GLU D 13 14.45 15.98 17.81
C GLU D 13 13.71 15.69 16.51
N LEU D 14 14.20 14.70 15.77
CA LEU D 14 13.57 14.33 14.53
C LEU D 14 12.22 13.65 14.78
N SER D 15 12.15 12.87 15.83
CA SER D 15 10.93 12.15 16.19
C SER D 15 9.74 13.07 16.51
N ARG D 16 10.00 14.38 16.58
CA ARG D 16 8.96 15.34 16.88
C ARG D 16 8.23 15.74 15.61
N LEU D 17 8.93 15.64 14.49
CA LEU D 17 8.32 15.97 13.21
C LEU D 17 7.36 14.84 12.86
N PRO D 18 6.16 15.18 12.35
CA PRO D 18 5.19 14.15 11.99
C PRO D 18 5.68 13.45 10.74
N GLY D 19 5.09 12.29 10.44
CA GLY D 19 5.51 11.55 9.26
C GLY D 19 6.82 10.87 9.56
N ILE D 20 7.42 11.24 10.70
CA ILE D 20 8.68 10.68 11.12
C ILE D 20 8.54 10.11 12.52
N GLY D 21 8.97 8.87 12.68
CA GLY D 21 8.87 8.19 13.97
C GLY D 21 10.18 7.63 14.50
N PRO D 22 10.18 7.08 15.71
CA PRO D 22 11.39 6.53 16.31
C PRO D 22 12.36 5.82 15.37
N LYS D 23 11.94 4.71 14.77
CA LYS D 23 12.84 3.98 13.89
C LYS D 23 13.22 4.84 12.69
N SER D 24 12.28 5.67 12.23
CA SER D 24 12.53 6.52 11.07
C SER D 24 13.54 7.66 11.37
N ALA D 25 13.50 8.18 12.59
CA ALA D 25 14.42 9.25 13.02
C ALA D 25 15.83 8.72 12.96
N GLN D 26 16.00 7.53 13.51
CA GLN D 26 17.30 6.90 13.52
C GLN D 26 17.91 6.88 12.12
N ARG D 27 17.17 6.31 11.17
CA ARG D 27 17.62 6.20 9.78
C ARG D 27 18.14 7.53 9.24
N LEU D 28 17.31 8.56 9.39
CA LEU D 28 17.66 9.90 8.94
C LEU D 28 19.00 10.30 9.56
N ALA D 29 19.10 10.15 10.88
CA ALA D 29 20.31 10.48 11.63
C ALA D 29 21.54 9.80 11.04
N PHE D 30 21.42 8.51 10.72
CA PHE D 30 22.56 7.82 10.14
C PHE D 30 22.79 8.30 8.70
N HIS D 31 21.77 8.87 8.09
CA HIS D 31 21.89 9.38 6.72
C HIS D 31 22.63 10.72 6.76
N LEU D 32 22.33 11.53 7.78
CA LEU D 32 22.97 12.83 7.92
C LEU D 32 24.44 12.64 8.17
N PHE D 33 24.76 11.86 9.20
CA PHE D 33 26.15 11.55 9.55
C PHE D 33 27.02 11.36 8.30
N GLU D 34 26.46 10.73 7.26
CA GLU D 34 27.18 10.48 6.02
C GLU D 34 27.29 11.69 5.07
N GLN D 35 26.56 12.76 5.35
CA GLN D 35 26.57 13.92 4.49
C GLN D 35 27.66 14.93 4.82
N PRO D 36 28.13 15.67 3.81
CA PRO D 36 29.18 16.65 4.07
C PRO D 36 28.67 17.71 5.05
N ARG D 37 29.60 18.48 5.60
CA ARG D 37 29.29 19.52 6.56
C ARG D 37 28.41 20.62 6.02
N GLU D 38 28.52 20.92 4.73
CA GLU D 38 27.73 21.98 4.12
C GLU D 38 26.27 21.62 4.00
N ASP D 39 26.00 20.35 3.75
CA ASP D 39 24.63 19.87 3.61
C ASP D 39 23.90 20.07 4.94
N ILE D 40 24.54 19.58 6.00
CA ILE D 40 24.02 19.67 7.34
C ILE D 40 23.89 21.13 7.78
N GLU D 41 24.88 21.93 7.43
CA GLU D 41 24.87 23.35 7.80
C GLU D 41 23.84 24.11 7.00
N ARG D 42 23.59 23.66 5.78
CA ARG D 42 22.61 24.30 4.91
C ARG D 42 21.18 23.86 5.28
N LEU D 43 21.05 22.76 6.04
CA LEU D 43 19.72 22.28 6.45
C LEU D 43 19.43 23.02 7.75
N ALA D 44 20.45 23.11 8.60
CA ALA D 44 20.33 23.77 9.89
C ALA D 44 19.99 25.23 9.72
N SER D 45 20.74 25.90 8.87
CA SER D 45 20.52 27.31 8.66
C SER D 45 19.17 27.55 7.98
N ALA D 46 18.69 26.56 7.23
CA ALA D 46 17.40 26.73 6.56
C ALA D 46 16.24 26.73 7.56
N LEU D 47 16.40 26.00 8.67
CA LEU D 47 15.34 25.93 9.67
C LEU D 47 15.27 27.26 10.40
N LEU D 48 16.41 27.72 10.86
CA LEU D 48 16.52 28.97 11.59
C LEU D 48 16.13 30.17 10.73
N GLU D 49 16.35 30.05 9.44
CA GLU D 49 16.00 31.15 8.57
C GLU D 49 14.49 31.19 8.33
N ALA D 50 13.85 30.03 8.29
CA ALA D 50 12.40 29.98 8.09
C ALA D 50 11.70 30.60 9.28
N LYS D 51 12.11 30.15 10.46
CA LYS D 51 11.53 30.65 11.70
C LYS D 51 11.67 32.17 11.77
N ARG D 52 12.90 32.62 11.58
CA ARG D 52 13.24 34.03 11.61
C ARG D 52 12.55 34.91 10.56
N ASP D 53 12.28 34.38 9.37
CA ASP D 53 11.66 35.22 8.36
C ASP D 53 10.21 34.95 7.97
N LEU D 54 9.66 33.83 8.42
CA LEU D 54 8.28 33.50 8.08
C LEU D 54 7.30 33.94 9.15
N HIS D 55 6.11 34.34 8.71
CA HIS D 55 5.06 34.78 9.63
C HIS D 55 3.79 35.01 8.81
N VAL D 56 2.63 34.84 9.43
CA VAL D 56 1.35 35.01 8.74
C VAL D 56 1.07 36.44 8.26
N CYS D 57 0.52 36.57 7.06
CA CYS D 57 0.19 37.89 6.52
C CYS D 57 -0.85 38.48 7.45
N PRO D 58 -0.53 39.63 8.05
CA PRO D 58 -1.47 40.25 8.98
C PRO D 58 -2.86 40.52 8.39
N ILE D 59 -2.98 40.48 7.06
CA ILE D 59 -4.28 40.72 6.47
C ILE D 59 -5.05 39.44 6.09
N CYS D 60 -4.37 38.44 5.53
CA CYS D 60 -5.05 37.20 5.12
C CYS D 60 -4.52 35.91 5.75
N PHE D 61 -3.48 36.03 6.57
CA PHE D 61 -2.87 34.90 7.26
C PHE D 61 -2.25 33.81 6.43
N ASN D 62 -1.85 34.16 5.21
CA ASN D 62 -1.18 33.21 4.36
C ASN D 62 0.25 33.29 4.92
N ILE D 63 1.09 32.29 4.64
CA ILE D 63 2.48 32.34 5.10
C ILE D 63 3.18 33.41 4.26
N THR D 64 4.16 34.11 4.83
CA THR D 64 4.89 35.16 4.10
C THR D 64 6.17 35.63 4.80
N ASP D 65 7.03 36.33 4.07
CA ASP D 65 8.26 36.86 4.64
C ASP D 65 8.30 38.39 4.53
N ALA D 66 7.15 39.04 4.39
CA ALA D 66 7.09 40.51 4.31
C ALA D 66 5.88 41.02 5.10
N GLU D 67 5.75 42.35 5.19
CA GLU D 67 4.64 42.93 5.94
C GLU D 67 3.27 42.47 5.46
N LYS D 68 3.05 42.48 4.14
CA LYS D 68 1.80 42.01 3.57
C LYS D 68 2.22 40.89 2.65
N CYS D 69 1.36 39.90 2.42
CA CYS D 69 1.75 38.80 1.55
C CYS D 69 1.81 39.14 0.06
N ASP D 70 2.44 38.25 -0.70
CA ASP D 70 2.56 38.42 -2.12
C ASP D 70 1.22 38.80 -2.72
N VAL D 71 0.20 38.00 -2.47
CA VAL D 71 -1.12 38.26 -3.02
C VAL D 71 -1.68 39.62 -2.64
N CYS D 72 -1.76 39.88 -1.34
CA CYS D 72 -2.30 41.13 -0.85
C CYS D 72 -1.58 42.36 -1.41
N ALA D 73 -0.28 42.24 -1.70
CA ALA D 73 0.47 43.38 -2.21
C ALA D 73 0.49 43.52 -3.72
N ASP D 74 0.06 42.48 -4.44
CA ASP D 74 0.03 42.53 -5.90
C ASP D 74 -1.09 43.45 -6.42
N PRO D 75 -0.72 44.63 -6.94
CA PRO D 75 -1.72 45.57 -7.44
C PRO D 75 -2.74 45.00 -8.43
N SER D 76 -2.28 44.15 -9.34
CA SER D 76 -3.13 43.56 -10.36
C SER D 76 -3.96 42.36 -9.89
N ARG D 77 -4.62 42.50 -8.75
CA ARG D 77 -5.43 41.42 -8.18
C ARG D 77 -6.86 41.88 -7.95
N ASP D 78 -7.80 40.96 -8.10
CA ASP D 78 -9.21 41.25 -7.92
C ASP D 78 -9.51 41.46 -6.42
N GLN D 79 -9.30 42.67 -5.94
CA GLN D 79 -9.55 42.99 -4.52
C GLN D 79 -11.03 42.81 -4.17
N ARG D 80 -11.82 42.40 -5.13
CA ARG D 80 -13.26 42.24 -4.92
C ARG D 80 -13.64 40.87 -4.34
N THR D 81 -12.88 39.83 -4.68
CA THR D 81 -13.19 38.50 -4.19
C THR D 81 -12.16 37.92 -3.23
N ILE D 82 -12.65 37.21 -2.22
CA ILE D 82 -11.79 36.57 -1.23
C ILE D 82 -12.11 35.09 -1.16
N CYS D 83 -11.11 34.27 -1.46
CA CYS D 83 -11.28 32.83 -1.43
C CYS D 83 -10.71 32.29 -0.11
N VAL D 84 -11.61 31.75 0.72
CA VAL D 84 -11.23 31.20 2.00
C VAL D 84 -10.80 29.76 1.90
N VAL D 85 -9.68 29.40 2.52
CA VAL D 85 -9.21 28.03 2.49
C VAL D 85 -8.82 27.60 3.90
N GLU D 86 -8.52 26.33 4.09
CA GLU D 86 -8.14 25.84 5.41
C GLU D 86 -6.66 26.02 5.69
N GLU D 87 -5.83 25.28 4.99
CA GLU D 87 -4.41 25.38 5.23
C GLU D 87 -3.77 26.33 4.26
N PRO D 88 -2.57 26.84 4.58
CA PRO D 88 -1.88 27.76 3.68
C PRO D 88 -1.47 27.02 2.41
N GLY D 89 -1.15 25.74 2.55
CA GLY D 89 -0.77 24.95 1.41
C GLY D 89 -1.85 25.03 0.35
N ASP D 90 -3.07 25.41 0.75
CA ASP D 90 -4.20 25.53 -0.17
C ASP D 90 -3.96 26.66 -1.15
N VAL D 91 -3.50 27.79 -0.66
CA VAL D 91 -3.23 28.93 -1.52
C VAL D 91 -2.22 28.53 -2.59
N ILE D 92 -1.35 27.57 -2.24
CA ILE D 92 -0.31 27.07 -3.14
C ILE D 92 -0.94 26.34 -4.31
N ALA D 93 -1.96 25.55 -3.99
CA ALA D 93 -2.67 24.76 -4.99
C ALA D 93 -3.51 25.60 -5.93
N LEU D 94 -4.40 26.41 -5.38
CA LEU D 94 -5.27 27.25 -6.19
C LEU D 94 -4.43 28.23 -6.99
N GLU D 95 -3.27 28.61 -6.46
CA GLU D 95 -2.44 29.55 -7.17
C GLU D 95 -1.74 28.81 -8.29
N ARG D 96 -1.24 27.62 -7.98
CA ARG D 96 -0.57 26.78 -8.95
C ARG D 96 -1.59 26.36 -9.98
N SER D 97 -2.82 26.86 -9.82
CA SER D 97 -3.93 26.57 -10.71
C SER D 97 -4.07 27.64 -11.79
N GLY D 98 -3.56 28.83 -11.50
CA GLY D 98 -3.63 29.93 -12.45
C GLY D 98 -5.02 30.36 -12.87
N GLU D 99 -6.05 29.77 -12.25
CA GLU D 99 -7.42 30.12 -12.58
C GLU D 99 -7.92 31.24 -11.67
N TYR D 100 -7.18 31.46 -10.59
CA TYR D 100 -7.56 32.49 -9.62
C TYR D 100 -6.63 33.71 -9.63
N ARG D 101 -7.23 34.89 -9.63
CA ARG D 101 -6.48 36.13 -9.62
C ARG D 101 -7.02 37.09 -8.55
N GLY D 102 -7.72 36.51 -7.56
CA GLY D 102 -8.27 37.28 -6.47
C GLY D 102 -7.42 37.16 -5.21
N LEU D 103 -8.02 37.50 -4.06
CA LEU D 103 -7.33 37.44 -2.77
C LEU D 103 -7.70 36.18 -2.00
N TYR D 104 -7.08 36.01 -0.85
CA TYR D 104 -7.31 34.84 -0.01
C TYR D 104 -7.49 35.16 1.46
N HIS D 105 -7.84 34.12 2.20
CA HIS D 105 -7.96 34.22 3.62
C HIS D 105 -7.76 32.80 4.10
N VAL D 106 -6.68 32.59 4.85
CA VAL D 106 -6.35 31.27 5.37
C VAL D 106 -6.81 31.11 6.81
N LEU D 107 -7.80 30.23 7.00
CA LEU D 107 -8.34 29.99 8.32
C LEU D 107 -7.35 29.31 9.27
N HIS D 108 -6.49 28.48 8.70
CA HIS D 108 -5.51 27.68 9.44
C HIS D 108 -6.25 26.65 10.23
N GLY D 109 -7.11 25.90 9.54
CA GLY D 109 -7.87 24.85 10.20
C GLY D 109 -9.34 24.87 9.91
N VAL D 110 -10.05 23.89 10.43
CA VAL D 110 -11.49 23.80 10.25
C VAL D 110 -12.17 23.65 11.59
N LEU D 111 -13.47 23.87 11.59
CA LEU D 111 -14.24 23.74 12.81
C LEU D 111 -14.30 22.26 13.10
N SER D 112 -14.09 21.89 14.35
CA SER D 112 -14.11 20.49 14.73
C SER D 112 -14.74 20.34 16.11
N PRO D 113 -16.06 20.29 16.16
CA PRO D 113 -16.74 20.16 17.45
C PRO D 113 -16.17 19.03 18.31
N MET D 114 -16.04 17.85 17.72
CA MET D 114 -15.54 16.68 18.44
C MET D 114 -14.15 16.83 19.05
N ASN D 115 -13.40 17.83 18.58
CA ASN D 115 -12.06 18.06 19.10
C ASN D 115 -11.94 19.41 19.81
N GLY D 116 -13.10 19.98 20.13
CA GLY D 116 -13.14 21.25 20.84
C GLY D 116 -12.44 22.36 20.09
N VAL D 117 -12.73 22.44 18.80
CA VAL D 117 -12.14 23.46 17.95
C VAL D 117 -13.28 24.30 17.42
N GLY D 118 -13.43 25.47 18.01
CA GLY D 118 -14.46 26.41 17.60
C GLY D 118 -13.86 27.51 16.76
N PRO D 119 -14.67 28.48 16.31
CA PRO D 119 -14.21 29.60 15.50
C PRO D 119 -13.09 30.45 16.10
N ASP D 120 -13.00 30.46 17.42
CA ASP D 120 -11.97 31.26 18.07
C ASP D 120 -10.57 30.70 17.86
N LYS D 121 -10.47 29.45 17.43
CA LYS D 121 -9.16 28.85 17.21
C LYS D 121 -8.72 28.84 15.72
N LEU D 122 -9.46 29.57 14.90
CA LEU D 122 -9.16 29.69 13.49
C LEU D 122 -9.22 31.19 13.23
N HIS D 123 -8.41 31.67 12.29
CA HIS D 123 -8.44 33.08 11.99
C HIS D 123 -9.72 33.46 11.26
N ILE D 124 -10.85 33.37 11.95
CA ILE D 124 -12.11 33.73 11.35
C ILE D 124 -12.37 35.21 11.55
N LYS D 125 -12.16 35.67 12.78
CA LYS D 125 -12.38 37.06 13.13
C LYS D 125 -11.74 38.11 12.20
N PRO D 126 -10.44 37.99 11.86
CA PRO D 126 -9.82 39.00 10.98
C PRO D 126 -10.32 38.94 9.55
N LEU D 127 -11.30 38.07 9.31
CA LEU D 127 -11.85 37.91 7.98
C LEU D 127 -13.15 38.69 7.80
N LEU D 128 -13.81 39.01 8.92
CA LEU D 128 -15.08 39.73 8.88
C LEU D 128 -14.93 41.16 8.41
N PRO D 129 -13.89 41.86 8.88
CA PRO D 129 -13.65 43.26 8.50
C PRO D 129 -13.25 43.44 7.03
N ARG D 130 -12.98 42.33 6.35
CA ARG D 130 -12.58 42.37 4.94
C ARG D 130 -13.80 42.23 4.05
N VAL D 131 -14.85 41.63 4.58
CA VAL D 131 -16.06 41.40 3.81
C VAL D 131 -17.06 42.53 3.88
N GLY D 132 -17.52 42.95 2.71
CA GLY D 132 -18.49 44.03 2.61
C GLY D 132 -19.28 43.83 1.33
N GLN D 133 -20.32 44.66 1.16
CA GLN D 133 -21.18 44.58 -0.01
C GLN D 133 -20.41 44.87 -1.28
N GLY D 134 -20.74 44.13 -2.34
CA GLY D 134 -20.07 44.33 -3.60
C GLY D 134 -18.85 43.45 -3.77
N MET D 135 -18.81 42.37 -3.01
CA MET D 135 -17.68 41.44 -3.07
C MET D 135 -18.17 40.00 -3.13
N GLU D 136 -17.25 39.08 -3.38
CA GLU D 136 -17.62 37.68 -3.42
C GLU D 136 -16.67 36.85 -2.58
N VAL D 137 -17.23 36.08 -1.65
CA VAL D 137 -16.43 35.21 -0.81
C VAL D 137 -16.57 33.78 -1.30
N ILE D 138 -15.50 33.24 -1.86
CA ILE D 138 -15.50 31.88 -2.38
C ILE D 138 -15.06 30.93 -1.27
N LEU D 139 -16.02 30.29 -0.62
CA LEU D 139 -15.70 29.36 0.45
C LEU D 139 -15.06 28.13 -0.16
N ALA D 140 -13.73 28.12 -0.21
CA ALA D 140 -13.01 26.98 -0.76
C ALA D 140 -12.38 26.16 0.35
N THR D 141 -13.13 25.96 1.40
CA THR D 141 -12.66 25.12 2.48
C THR D 141 -12.79 23.71 1.87
N GLY D 142 -12.17 22.72 2.50
CA GLY D 142 -12.24 21.37 1.99
C GLY D 142 -13.66 20.81 1.90
N THR D 143 -13.79 19.59 1.38
CA THR D 143 -15.11 18.99 1.22
C THR D 143 -15.38 17.81 2.14
N THR D 144 -14.78 17.85 3.32
CA THR D 144 -14.98 16.82 4.32
C THR D 144 -16.18 17.30 5.13
N VAL D 145 -16.66 16.46 6.05
CA VAL D 145 -17.79 16.84 6.89
C VAL D 145 -17.52 18.15 7.63
N GLU D 146 -16.30 18.28 8.17
CA GLU D 146 -15.91 19.48 8.90
C GLU D 146 -15.73 20.61 7.92
N GLY D 147 -14.99 20.33 6.84
CA GLY D 147 -14.75 21.32 5.81
C GLY D 147 -16.04 21.94 5.31
N ASP D 148 -17.11 21.12 5.30
CA ASP D 148 -18.41 21.59 4.86
C ASP D 148 -19.05 22.42 5.96
N ALA D 149 -19.01 21.90 7.18
CA ALA D 149 -19.58 22.58 8.34
C ALA D 149 -19.00 23.98 8.46
N THR D 150 -17.69 24.09 8.32
CA THR D 150 -17.02 25.38 8.41
C THR D 150 -17.55 26.31 7.31
N ALA D 151 -17.68 25.77 6.10
CA ALA D 151 -18.18 26.56 4.98
C ALA D 151 -19.56 27.10 5.31
N LEU D 152 -20.42 26.21 5.78
CA LEU D 152 -21.77 26.63 6.11
C LEU D 152 -21.69 27.76 7.14
N TYR D 153 -20.94 27.51 8.21
CA TYR D 153 -20.77 28.51 9.27
C TYR D 153 -20.30 29.83 8.68
N LEU D 154 -19.18 29.81 7.96
CA LEU D 154 -18.64 31.02 7.37
C LEU D 154 -19.67 31.70 6.48
N GLN D 155 -20.57 30.90 5.91
CA GLN D 155 -21.59 31.42 5.04
C GLN D 155 -22.64 32.20 5.80
N ARG D 156 -23.04 31.66 6.94
CA ARG D 156 -24.05 32.31 7.77
C ARG D 156 -23.51 33.61 8.36
N LEU D 157 -22.25 33.58 8.74
CA LEU D 157 -21.60 34.75 9.31
C LEU D 157 -21.45 35.85 8.26
N LEU D 158 -20.83 35.51 7.15
CA LEU D 158 -20.57 36.45 6.09
C LEU D 158 -21.77 36.98 5.31
N GLU D 159 -22.78 36.14 5.12
CA GLU D 159 -23.98 36.49 4.35
C GLU D 159 -24.53 37.90 4.61
N PRO D 160 -24.90 38.22 5.86
CA PRO D 160 -25.44 39.52 6.24
C PRO D 160 -24.58 40.73 5.88
N LEU D 161 -23.29 40.49 5.66
CA LEU D 161 -22.36 41.57 5.32
C LEU D 161 -22.57 42.12 3.91
N GLY D 162 -23.34 41.41 3.09
CA GLY D 162 -23.60 41.93 1.75
C GLY D 162 -22.84 41.35 0.58
N ALA D 163 -21.80 40.57 0.82
CA ALA D 163 -21.06 39.99 -0.30
C ALA D 163 -21.77 38.76 -0.85
N ALA D 164 -21.41 38.37 -2.06
CA ALA D 164 -21.99 37.19 -2.65
C ALA D 164 -21.08 36.06 -2.19
N ILE D 165 -21.63 34.88 -1.99
CA ILE D 165 -20.78 33.81 -1.51
C ILE D 165 -20.91 32.55 -2.35
N SER D 166 -19.76 32.01 -2.73
CA SER D 166 -19.75 30.78 -3.52
C SER D 166 -19.00 29.68 -2.79
N ARG D 167 -19.15 28.46 -3.29
CA ARG D 167 -18.49 27.28 -2.73
C ARG D 167 -17.74 26.64 -3.90
N ILE D 168 -16.50 26.18 -3.69
CA ILE D 168 -15.80 25.52 -4.80
C ILE D 168 -16.76 24.45 -5.33
N ALA D 169 -16.63 24.12 -6.62
CA ALA D 169 -17.50 23.14 -7.23
C ALA D 169 -17.19 21.73 -6.82
N TYR D 170 -18.21 21.04 -6.30
CA TYR D 170 -18.02 19.65 -5.93
C TYR D 170 -17.93 18.92 -7.25
N GLY D 171 -17.30 17.76 -7.28
CA GLY D 171 -17.22 17.07 -8.55
C GLY D 171 -16.21 15.97 -8.71
N VAL D 172 -16.17 15.44 -9.93
CA VAL D 172 -15.26 14.39 -10.31
C VAL D 172 -13.91 15.05 -10.59
N PRO D 173 -12.82 14.47 -10.08
CA PRO D 173 -11.48 15.04 -10.29
C PRO D 173 -10.98 14.65 -11.67
N VAL D 174 -10.07 15.47 -12.21
CA VAL D 174 -9.50 15.19 -13.52
C VAL D 174 -8.75 13.87 -13.53
N GLY D 175 -8.86 13.14 -14.64
CA GLY D 175 -8.16 11.87 -14.78
C GLY D 175 -8.77 10.65 -14.14
N GLY D 176 -10.11 10.58 -14.08
CA GLY D 176 -10.74 9.42 -13.48
C GLY D 176 -11.96 8.89 -14.23
N SER D 177 -12.58 7.87 -13.64
CA SER D 177 -13.78 7.24 -14.18
C SER D 177 -14.73 7.02 -13.00
N LEU D 178 -16.03 7.13 -13.25
CA LEU D 178 -17.03 6.98 -12.20
C LEU D 178 -16.97 5.66 -11.44
N GLU D 179 -16.20 4.70 -11.97
CA GLU D 179 -16.07 3.41 -11.31
C GLU D 179 -15.39 3.66 -9.97
N TYR D 180 -14.12 4.07 -10.02
CA TYR D 180 -13.36 4.35 -8.82
C TYR D 180 -13.65 5.73 -8.25
N THR D 181 -14.91 6.12 -8.33
CA THR D 181 -15.37 7.40 -7.79
C THR D 181 -16.60 7.09 -6.96
N ASP D 182 -16.59 7.56 -5.72
CA ASP D 182 -17.70 7.32 -4.80
C ASP D 182 -19.01 7.96 -5.25
N GLU D 183 -20.10 7.34 -4.81
CA GLU D 183 -21.45 7.76 -5.14
C GLU D 183 -21.75 9.19 -4.77
N VAL D 184 -21.55 9.53 -3.50
CA VAL D 184 -21.82 10.87 -2.98
C VAL D 184 -21.38 11.90 -4.00
N THR D 185 -20.09 11.85 -4.30
CA THR D 185 -19.48 12.77 -5.25
C THR D 185 -20.26 12.74 -6.55
N LEU D 186 -20.29 11.59 -7.21
CA LEU D 186 -21.00 11.46 -8.49
C LEU D 186 -22.37 12.12 -8.41
N GLY D 187 -23.00 12.04 -7.24
CA GLY D 187 -24.30 12.65 -7.07
C GLY D 187 -24.24 14.14 -7.30
N ARG D 188 -23.39 14.83 -6.56
CA ARG D 188 -23.26 16.27 -6.72
C ARG D 188 -22.64 16.60 -8.09
N ALA D 189 -21.71 15.77 -8.53
CA ALA D 189 -21.03 15.95 -9.82
C ALA D 189 -22.02 15.94 -10.98
N LEU D 190 -23.11 15.20 -10.81
CA LEU D 190 -24.13 15.11 -11.84
C LEU D 190 -25.06 16.30 -11.67
N THR D 191 -25.30 16.67 -10.41
CA THR D 191 -26.18 17.79 -10.10
C THR D 191 -25.60 19.13 -10.51
N GLY D 192 -24.29 19.28 -10.32
CA GLY D 192 -23.63 20.53 -10.68
C GLY D 192 -23.10 20.55 -12.11
N ARG D 193 -23.66 19.71 -12.97
CA ARG D 193 -23.24 19.64 -14.36
C ARG D 193 -23.32 21.00 -15.06
N GLN D 194 -22.34 21.29 -15.91
CA GLN D 194 -22.30 22.55 -16.64
C GLN D 194 -22.82 22.28 -18.03
N THR D 195 -23.75 23.10 -18.50
CA THR D 195 -24.29 22.92 -19.85
C THR D 195 -23.18 23.30 -20.83
N VAL D 196 -22.96 22.49 -21.87
CA VAL D 196 -21.91 22.78 -22.85
C VAL D 196 -22.45 23.18 -24.21
N SER D 197 -23.76 23.34 -24.31
CA SER D 197 -24.36 23.72 -25.58
C SER D 197 -25.88 23.91 -25.51
N LYS D 198 -26.33 25.09 -25.93
CA LYS D 198 -27.75 25.43 -25.95
C LYS D 198 -28.57 24.34 -26.65
N PRO D 199 -29.90 24.44 -26.61
CA PRO D 199 -30.69 23.41 -27.27
C PRO D 199 -30.61 23.59 -28.79
ZN ZN E . -0.01 -38.70 0.03
N1 IMD F . -7.93 -25.68 6.57
C2 IMD F . -8.62 -26.62 7.17
N3 IMD F . -8.75 -26.32 8.50
C4 IMD F . -8.10 -25.14 8.71
C5 IMD F . -7.58 -24.72 7.54
ZN ZN G . 34.38 0.33 18.21
N1 IMD H . -3.91 24.66 11.97
C2 IMD H . -3.82 23.56 11.23
N3 IMD H . -2.96 22.68 11.81
C4 IMD H . -2.48 23.26 12.95
C5 IMD H . -3.04 24.48 13.08
ZN ZN I . -32.16 0.71 -20.49
N1 IMD J . -44.29 -8.78 -24.39
C2 IMD J . -43.07 -8.30 -24.18
N3 IMD J . -43.08 -6.93 -24.37
C4 IMD J . -44.35 -6.58 -24.71
C5 IMD J . -45.12 -7.69 -24.74
ZN ZN K . -2.12 38.41 2.57
N1 IMD L . 27.37 5.22 2.43
C2 IMD L . 28.25 4.52 3.13
N3 IMD L . 28.89 3.62 2.31
C4 IMD L . 28.38 3.79 1.04
C5 IMD L . 27.43 4.77 1.08
N1 IMD M . 4.34 49.34 6.24
C2 IMD M . 3.22 50.04 6.43
N3 IMD M . 3.55 51.34 6.67
C4 IMD M . 4.92 51.44 6.64
C5 IMD M . 5.43 50.23 6.37
#